data_4I5S
#
_entry.id   4I5S
#
_cell.length_a   153.124
_cell.length_b   153.124
_cell.length_c   125.113
_cell.angle_alpha   90.00
_cell.angle_beta   90.00
_cell.angle_gamma   120.00
#
_symmetry.space_group_name_H-M   'P 31 2 1'
#
_entity_poly.entity_id   1
_entity_poly.type   'polypeptide(L)'
_entity_poly.pdbx_seq_one_letter_code
;MTNVFESSPLFLRILLAVLIILLFFYFIFLNYREYKNNNQVKQLNAKVRSLITGHYTDKLKVEDNSDLSELVNNVNDLSE
VFRLTHENLAQEKNRLTSILSYMTDGVLATDRSGKITVINDMAQKQLNVTREQALECNILDILDDDSYTYNDLITKTPEI
VLTRRDEYDEFITLRIRFALNRRESGFISGLIAVLHDATEQEKEERERRLFVSNVSHELRTPLTSVKSYLEALDDGALTE
SVAPSFIKVSLDETNRMMRMITDLLSLSRIDNQTSHLDVELTNFTAFMNYILDRFDQIQSQQSTNKVYEIIRDYPDKSVW
IEIDTDKMTQVIDNILNNAIKYSPDGGKVTITMQTTDTQLILSISDQGLGIPKKDLPLIFDRFYRVDKARSRAQGGTGLG
LAIAKEIVKQHKGFIWANSEEGEGSTFTIVLPYENDNDAIDEWEEDEDES
;
_entity_poly.pdbx_strand_id   A,B
#
# COMPACT_ATOMS: atom_id res chain seq x y z
N ASN A 37 -19.49 -66.21 -34.21
CA ASN A 37 -20.72 -65.55 -34.64
C ASN A 37 -21.68 -65.32 -33.47
N ASN A 38 -22.37 -66.37 -33.05
CA ASN A 38 -23.11 -66.34 -31.79
C ASN A 38 -22.13 -65.99 -30.69
N ASN A 39 -20.88 -66.40 -30.90
CA ASN A 39 -19.79 -66.15 -29.97
C ASN A 39 -19.20 -64.76 -30.10
N GLN A 40 -18.98 -64.32 -31.34
CA GLN A 40 -18.42 -63.01 -31.63
C GLN A 40 -19.24 -61.91 -30.95
N VAL A 41 -20.52 -62.19 -30.73
CA VAL A 41 -21.41 -61.28 -30.04
C VAL A 41 -21.17 -61.28 -28.53
N LYS A 42 -20.87 -62.46 -27.98
CA LYS A 42 -20.47 -62.58 -26.59
C LYS A 42 -19.20 -61.76 -26.37
N GLN A 43 -18.22 -61.98 -27.24
CA GLN A 43 -16.93 -61.30 -27.20
C GLN A 43 -17.06 -59.77 -27.30
N LEU A 44 -17.71 -59.31 -28.36
CA LEU A 44 -17.89 -57.87 -28.57
C LEU A 44 -18.70 -57.25 -27.43
N ASN A 45 -19.77 -57.94 -27.03
CA ASN A 45 -20.55 -57.54 -25.88
C ASN A 45 -19.62 -57.29 -24.71
N ALA A 46 -18.70 -58.22 -24.48
CA ALA A 46 -17.69 -58.07 -23.44
C ALA A 46 -16.91 -56.77 -23.62
N LYS A 47 -16.23 -56.61 -24.76
CA LYS A 47 -15.48 -55.38 -25.03
C LYS A 47 -16.26 -54.13 -24.67
N VAL A 48 -17.52 -54.09 -25.07
CA VAL A 48 -18.36 -52.92 -24.84
C VAL A 48 -18.70 -52.74 -23.37
N ARG A 49 -18.92 -53.85 -22.67
CA ARG A 49 -19.17 -53.77 -21.25
C ARG A 49 -17.94 -53.22 -20.54
N SER A 50 -16.75 -53.59 -21.04
CA SER A 50 -15.51 -53.02 -20.53
C SER A 50 -15.50 -51.52 -20.74
N LEU A 51 -15.65 -51.08 -21.99
CA LEU A 51 -15.72 -49.66 -22.30
C LEU A 51 -16.70 -48.93 -21.37
N ILE A 52 -17.77 -49.61 -20.96
CA ILE A 52 -18.75 -49.01 -20.07
C ILE A 52 -18.16 -48.63 -18.71
N THR A 53 -17.48 -49.61 -18.08
CA THR A 53 -16.89 -49.46 -16.74
C THR A 53 -15.58 -48.69 -16.80
N GLY A 54 -15.35 -48.05 -17.95
CA GLY A 54 -14.22 -47.15 -18.13
C GLY A 54 -12.94 -47.85 -18.50
N HIS A 55 -13.00 -49.17 -18.61
CA HIS A 55 -11.81 -49.96 -18.90
C HIS A 55 -11.61 -50.14 -20.41
N TYR A 56 -10.61 -49.44 -20.96
CA TYR A 56 -10.31 -49.56 -22.38
C TYR A 56 -9.73 -50.93 -22.71
N THR A 57 -9.86 -51.33 -23.97
CA THR A 57 -9.47 -52.68 -24.39
C THR A 57 -9.05 -52.69 -25.86
N ASP A 58 -8.09 -53.56 -26.18
CA ASP A 58 -7.57 -53.67 -27.53
C ASP A 58 -8.64 -54.06 -28.55
N LYS A 59 -8.38 -53.78 -29.82
CA LYS A 59 -9.29 -54.11 -30.91
C LYS A 59 -9.57 -55.61 -30.99
N LEU A 60 -10.81 -55.96 -31.35
CA LEU A 60 -11.14 -57.33 -31.69
C LEU A 60 -10.79 -57.54 -33.17
N LYS A 61 -10.45 -58.78 -33.53
CA LYS A 61 -10.10 -59.08 -34.92
C LYS A 61 -11.34 -59.32 -35.78
N VAL A 62 -11.36 -58.69 -36.94
CA VAL A 62 -12.44 -58.88 -37.90
C VAL A 62 -12.27 -60.22 -38.59
N GLU A 63 -13.16 -61.16 -38.30
CA GLU A 63 -13.06 -62.52 -38.80
C GLU A 63 -13.34 -62.59 -40.30
N ASP A 64 -14.62 -62.59 -40.66
CA ASP A 64 -15.03 -62.58 -42.05
C ASP A 64 -15.48 -61.18 -42.48
N ASN A 65 -16.10 -61.08 -43.64
CA ASN A 65 -16.66 -59.83 -44.13
C ASN A 65 -18.11 -59.73 -43.68
N SER A 66 -18.44 -60.46 -42.60
CA SER A 66 -19.79 -60.52 -42.07
C SER A 66 -20.39 -59.12 -41.93
N ASP A 67 -21.70 -59.04 -41.72
CA ASP A 67 -22.34 -57.75 -41.57
C ASP A 67 -22.12 -57.16 -40.18
N LEU A 68 -21.95 -58.03 -39.18
CA LEU A 68 -21.64 -57.57 -37.83
C LEU A 68 -20.14 -57.40 -37.64
N SER A 69 -19.34 -58.03 -38.51
CA SER A 69 -17.92 -57.80 -38.50
C SER A 69 -17.67 -56.33 -38.78
N GLU A 70 -18.59 -55.73 -39.51
CA GLU A 70 -18.58 -54.28 -39.73
C GLU A 70 -18.82 -53.59 -38.40
N LEU A 71 -19.70 -54.18 -37.58
CA LEU A 71 -19.99 -53.66 -36.25
C LEU A 71 -18.77 -53.80 -35.33
N VAL A 72 -18.11 -54.96 -35.39
CA VAL A 72 -16.88 -55.16 -34.64
C VAL A 72 -15.86 -54.10 -35.00
N ASN A 73 -15.63 -53.93 -36.30
CA ASN A 73 -14.72 -52.91 -36.79
C ASN A 73 -15.09 -51.52 -36.26
N ASN A 74 -16.40 -51.22 -36.28
CA ASN A 74 -16.89 -49.92 -35.81
C ASN A 74 -16.71 -49.67 -34.32
N VAL A 75 -16.98 -50.68 -33.51
CA VAL A 75 -16.73 -50.60 -32.07
C VAL A 75 -15.24 -50.41 -31.80
N ASN A 76 -14.41 -51.21 -32.44
CA ASN A 76 -12.95 -51.01 -32.34
C ASN A 76 -12.62 -49.54 -32.57
N ASP A 77 -12.94 -49.09 -33.79
CA ASP A 77 -12.64 -47.73 -34.21
C ASP A 77 -13.22 -46.67 -33.28
N LEU A 78 -14.33 -47.00 -32.63
CA LEU A 78 -14.95 -46.09 -31.68
C LEU A 78 -14.13 -46.02 -30.38
N SER A 79 -13.88 -47.18 -29.77
CA SER A 79 -13.06 -47.24 -28.57
C SER A 79 -11.81 -46.38 -28.79
N GLU A 80 -11.15 -46.57 -29.93
CA GLU A 80 -9.94 -45.80 -30.23
C GLU A 80 -10.20 -44.29 -30.41
N VAL A 81 -11.24 -43.97 -31.18
CA VAL A 81 -11.53 -42.57 -31.51
C VAL A 81 -11.86 -41.77 -30.23
N PHE A 82 -12.74 -42.32 -29.41
CA PHE A 82 -13.13 -41.68 -28.18
C PHE A 82 -11.96 -41.67 -27.21
N ARG A 83 -11.15 -42.72 -27.25
CA ARG A 83 -9.93 -42.71 -26.47
C ARG A 83 -9.16 -41.44 -26.76
N LEU A 84 -8.82 -41.21 -28.03
CA LEU A 84 -8.06 -40.01 -28.39
C LEU A 84 -8.74 -38.75 -27.90
N THR A 85 -10.02 -38.59 -28.21
CA THR A 85 -10.71 -37.35 -27.82
C THR A 85 -10.67 -37.14 -26.30
N HIS A 86 -10.69 -38.25 -25.56
CA HIS A 86 -10.67 -38.22 -24.09
C HIS A 86 -9.29 -37.81 -23.55
N GLU A 87 -8.25 -38.54 -23.95
CA GLU A 87 -6.89 -38.22 -23.55
C GLU A 87 -6.56 -36.77 -23.92
N ASN A 88 -7.16 -36.29 -25.00
CA ASN A 88 -6.97 -34.90 -25.41
C ASN A 88 -7.66 -33.92 -24.46
N LEU A 89 -8.94 -34.17 -24.21
CA LEU A 89 -9.72 -33.35 -23.27
C LEU A 89 -8.99 -33.22 -21.94
N ALA A 90 -8.66 -34.36 -21.34
CA ALA A 90 -7.92 -34.38 -20.08
C ALA A 90 -6.56 -33.69 -20.22
N GLN A 91 -5.91 -33.84 -21.37
CA GLN A 91 -4.65 -33.16 -21.61
C GLN A 91 -4.78 -31.67 -21.42
N GLU A 92 -5.77 -31.05 -22.08
CA GLU A 92 -5.91 -29.60 -22.00
C GLU A 92 -6.44 -29.11 -20.65
N LYS A 93 -7.42 -29.82 -20.08
CA LYS A 93 -7.88 -29.48 -18.74
C LYS A 93 -6.68 -29.46 -17.81
N ASN A 94 -5.86 -30.50 -17.92
CA ASN A 94 -4.65 -30.61 -17.11
C ASN A 94 -3.69 -29.47 -17.33
N ARG A 95 -3.46 -29.11 -18.59
CA ARG A 95 -2.58 -27.98 -18.89
C ARG A 95 -3.07 -26.75 -18.13
N LEU A 96 -4.38 -26.55 -18.15
CA LEU A 96 -4.98 -25.42 -17.45
C LEU A 96 -4.69 -25.45 -15.95
N THR A 97 -5.15 -26.51 -15.29
CA THR A 97 -4.96 -26.63 -13.85
C THR A 97 -3.47 -26.60 -13.46
N SER A 98 -2.61 -26.95 -14.41
CA SER A 98 -1.17 -26.91 -14.24
C SER A 98 -0.71 -25.46 -14.16
N ILE A 99 -1.07 -24.68 -15.17
CA ILE A 99 -0.78 -23.25 -15.15
C ILE A 99 -1.24 -22.65 -13.84
N LEU A 100 -2.50 -22.89 -13.48
CA LEU A 100 -3.04 -22.30 -12.26
C LEU A 100 -2.25 -22.73 -11.03
N SER A 101 -1.76 -23.97 -11.06
CA SER A 101 -0.99 -24.51 -9.94
C SER A 101 0.36 -23.82 -9.77
N TYR A 102 1.19 -23.86 -10.81
CA TYR A 102 2.56 -23.34 -10.71
C TYR A 102 2.63 -21.82 -10.84
N MET A 103 1.47 -21.19 -10.98
CA MET A 103 1.38 -19.75 -11.13
C MET A 103 1.94 -19.07 -9.89
N THR A 104 2.51 -17.88 -10.07
CA THR A 104 3.21 -17.18 -8.99
C THR A 104 2.30 -16.51 -7.96
N ASP A 105 1.28 -15.79 -8.43
CA ASP A 105 0.34 -15.10 -7.55
C ASP A 105 -0.78 -16.05 -7.17
N GLY A 106 -1.70 -15.60 -6.31
CA GLY A 106 -2.79 -16.45 -5.87
C GLY A 106 -4.12 -16.17 -6.57
N VAL A 107 -4.87 -17.22 -6.85
CA VAL A 107 -6.14 -17.09 -7.56
C VAL A 107 -7.26 -17.91 -6.91
N LEU A 108 -8.42 -17.28 -6.71
CA LEU A 108 -9.59 -18.03 -6.27
C LEU A 108 -10.87 -17.53 -6.93
N ALA A 109 -11.86 -18.41 -7.03
CA ALA A 109 -13.12 -18.09 -7.69
C ALA A 109 -14.31 -18.70 -6.95
N THR A 110 -15.45 -18.04 -7.05
CA THR A 110 -16.65 -18.44 -6.32
C THR A 110 -17.90 -18.42 -7.19
N ASP A 111 -18.93 -19.11 -6.71
CA ASP A 111 -20.24 -19.09 -7.33
C ASP A 111 -20.85 -17.70 -7.18
N ARG A 112 -21.95 -17.46 -7.89
CA ARG A 112 -22.65 -16.18 -7.80
C ARG A 112 -22.78 -15.75 -6.34
N SER A 113 -23.15 -16.69 -5.48
CA SER A 113 -23.19 -16.44 -4.06
C SER A 113 -21.87 -15.87 -3.56
N GLY A 114 -20.83 -16.69 -3.56
CA GLY A 114 -19.53 -16.27 -3.04
C GLY A 114 -18.79 -17.31 -2.22
N LYS A 115 -19.35 -18.52 -2.13
CA LYS A 115 -18.62 -19.62 -1.53
C LYS A 115 -17.46 -19.99 -2.43
N ILE A 116 -16.27 -20.15 -1.87
CA ILE A 116 -15.11 -20.52 -2.66
C ILE A 116 -15.41 -21.81 -3.45
N THR A 117 -15.06 -21.81 -4.72
CA THR A 117 -15.28 -22.97 -5.57
C THR A 117 -13.94 -23.46 -6.09
N VAL A 118 -13.11 -22.50 -6.48
CA VAL A 118 -11.74 -22.82 -6.87
C VAL A 118 -10.79 -21.99 -6.04
N ILE A 119 -9.65 -22.57 -5.68
CA ILE A 119 -8.60 -21.86 -4.99
C ILE A 119 -7.27 -22.56 -5.23
N ASN A 120 -6.35 -21.87 -5.89
CA ASN A 120 -5.09 -22.49 -6.28
C ASN A 120 -4.11 -22.60 -5.12
N ASP A 121 -3.02 -23.31 -5.33
CA ASP A 121 -2.03 -23.53 -4.28
C ASP A 121 -1.55 -22.22 -3.65
N MET A 122 -1.05 -21.32 -4.49
CA MET A 122 -0.52 -20.05 -4.02
C MET A 122 -1.46 -19.31 -3.08
N ALA A 123 -2.72 -19.17 -3.50
CA ALA A 123 -3.75 -18.56 -2.69
C ALA A 123 -3.90 -19.32 -1.37
N GLN A 124 -3.82 -20.64 -1.43
CA GLN A 124 -3.89 -21.46 -0.23
C GLN A 124 -2.81 -21.08 0.77
N LYS A 125 -1.57 -20.98 0.28
CA LYS A 125 -0.44 -20.61 1.13
C LYS A 125 -0.59 -19.20 1.69
N GLN A 126 -0.96 -18.26 0.81
CA GLN A 126 -1.13 -16.87 1.22
C GLN A 126 -2.18 -16.72 2.32
N LEU A 127 -3.25 -17.49 2.21
CA LEU A 127 -4.37 -17.37 3.13
C LEU A 127 -4.29 -18.34 4.30
N ASN A 128 -3.21 -19.13 4.35
CA ASN A 128 -3.07 -20.14 5.40
C ASN A 128 -4.26 -21.08 5.38
N VAL A 129 -4.34 -21.90 4.34
CA VAL A 129 -5.53 -22.69 4.13
C VAL A 129 -5.27 -23.82 3.13
N THR A 130 -6.04 -24.89 3.26
CA THR A 130 -6.02 -25.98 2.30
C THR A 130 -7.27 -25.88 1.43
N ARG A 131 -7.30 -26.63 0.33
CA ARG A 131 -8.49 -26.67 -0.52
C ARG A 131 -9.69 -27.07 0.34
N GLU A 132 -9.49 -28.09 1.17
CA GLU A 132 -10.52 -28.54 2.11
C GLU A 132 -11.08 -27.35 2.88
N GLN A 133 -10.24 -26.75 3.71
CA GLN A 133 -10.63 -25.61 4.54
C GLN A 133 -11.39 -24.56 3.74
N ALA A 134 -10.94 -24.33 2.51
CA ALA A 134 -11.41 -23.22 1.69
C ALA A 134 -12.79 -23.44 1.04
N LEU A 135 -13.06 -24.67 0.59
CA LEU A 135 -14.28 -24.94 -0.16
C LEU A 135 -15.57 -24.78 0.66
N GLU A 136 -15.48 -24.99 1.96
CA GLU A 136 -16.57 -24.60 2.87
C GLU A 136 -16.19 -23.26 3.49
N CYS A 137 -16.48 -22.18 2.77
CA CYS A 137 -16.08 -20.85 3.18
C CYS A 137 -16.63 -19.84 2.17
N ASN A 138 -16.50 -18.55 2.47
CA ASN A 138 -17.07 -17.51 1.63
C ASN A 138 -16.19 -16.26 1.63
N ILE A 139 -15.93 -15.70 0.45
CA ILE A 139 -15.04 -14.54 0.34
C ILE A 139 -15.26 -13.52 1.46
N LEU A 140 -16.52 -13.30 1.83
CA LEU A 140 -16.84 -12.39 2.92
C LEU A 140 -16.17 -12.82 4.23
N ASP A 141 -15.70 -14.06 4.26
CA ASP A 141 -15.03 -14.61 5.44
C ASP A 141 -13.58 -14.17 5.50
N ILE A 142 -13.25 -13.12 4.76
CA ILE A 142 -11.91 -12.55 4.83
C ILE A 142 -11.86 -11.41 5.85
N LEU A 143 -11.35 -11.74 7.04
CA LEU A 143 -11.20 -10.79 8.15
C LEU A 143 -12.48 -10.01 8.44
N ASP A 144 -13.61 -10.52 7.95
CA ASP A 144 -14.92 -9.90 8.22
C ASP A 144 -14.87 -8.38 8.16
N ASP A 145 -14.42 -7.83 7.03
CA ASP A 145 -14.23 -6.38 6.92
C ASP A 145 -15.49 -5.63 6.45
N ASP A 146 -16.63 -6.30 6.51
CA ASP A 146 -17.92 -5.64 6.28
C ASP A 146 -18.08 -4.99 4.90
N SER A 147 -17.96 -5.81 3.87
CA SER A 147 -18.32 -5.42 2.52
C SER A 147 -19.26 -6.51 2.01
N TYR A 148 -20.12 -6.19 1.05
CA TYR A 148 -21.13 -7.15 0.60
C TYR A 148 -20.85 -7.73 -0.78
N THR A 149 -21.31 -8.96 -1.00
CA THR A 149 -21.15 -9.64 -2.28
C THR A 149 -21.64 -8.76 -3.43
N TYR A 150 -22.65 -7.95 -3.17
CA TYR A 150 -23.18 -7.09 -4.22
C TYR A 150 -22.37 -5.81 -4.37
N ASN A 151 -21.87 -5.26 -3.27
CA ASN A 151 -20.86 -4.21 -3.36
C ASN A 151 -19.75 -4.72 -4.28
N ASP A 152 -19.34 -5.97 -4.02
CA ASP A 152 -18.26 -6.63 -4.75
C ASP A 152 -18.53 -6.78 -6.23
N LEU A 153 -19.69 -7.32 -6.56
CA LEU A 153 -20.06 -7.59 -7.93
C LEU A 153 -20.40 -6.33 -8.73
N ILE A 154 -20.76 -5.26 -8.00
CA ILE A 154 -21.04 -3.96 -8.62
C ILE A 154 -19.74 -3.24 -8.95
N THR A 155 -18.88 -3.13 -7.95
CA THR A 155 -17.71 -2.27 -8.04
C THR A 155 -16.43 -2.96 -8.52
N LYS A 156 -16.46 -4.28 -8.67
CA LYS A 156 -15.26 -5.05 -8.97
C LYS A 156 -14.07 -4.35 -8.32
N THR A 157 -14.01 -4.44 -7.00
CA THR A 157 -13.13 -3.62 -6.19
C THR A 157 -11.67 -4.11 -6.20
N PRO A 158 -10.73 -3.20 -5.90
CA PRO A 158 -9.29 -3.45 -5.94
C PRO A 158 -8.63 -3.27 -4.57
N GLU A 159 -9.01 -4.03 -3.55
CA GLU A 159 -8.62 -3.62 -2.19
C GLU A 159 -7.64 -4.51 -1.41
N ILE A 160 -7.19 -4.01 -0.26
CA ILE A 160 -6.04 -4.60 0.45
C ILE A 160 -6.30 -5.11 1.89
N VAL A 161 -6.07 -6.40 2.09
CA VAL A 161 -6.24 -7.07 3.37
C VAL A 161 -4.91 -7.22 4.11
N LEU A 162 -4.99 -7.24 5.44
CA LEU A 162 -3.82 -7.43 6.29
C LEU A 162 -4.12 -8.51 7.31
N THR A 163 -3.27 -9.52 7.39
CA THR A 163 -3.49 -10.61 8.34
C THR A 163 -2.18 -11.32 8.70
N ARG A 164 -2.21 -11.99 9.85
CA ARG A 164 -1.11 -12.82 10.30
C ARG A 164 -1.40 -14.28 9.97
N ARG A 165 -2.01 -14.50 8.81
CA ARG A 165 -2.33 -15.85 8.35
C ARG A 165 -1.06 -16.69 8.31
N ASP A 166 0.05 -16.07 8.69
CA ASP A 166 1.31 -16.78 8.84
C ASP A 166 1.60 -16.99 10.34
N GLU A 167 1.74 -18.26 10.71
CA GLU A 167 1.79 -18.72 12.11
C GLU A 167 2.22 -17.68 13.14
N TYR A 168 3.52 -17.58 13.38
CA TYR A 168 4.06 -16.66 14.38
C TYR A 168 3.71 -15.21 14.03
N ASP A 169 4.41 -14.27 14.67
CA ASP A 169 4.13 -12.85 14.48
C ASP A 169 4.21 -12.42 13.01
N GLU A 170 4.92 -13.19 12.19
CA GLU A 170 5.06 -12.86 10.78
C GLU A 170 3.69 -12.59 10.17
N PHE A 171 3.57 -11.43 9.54
CA PHE A 171 2.32 -11.03 8.89
C PHE A 171 2.42 -11.13 7.38
N ILE A 172 1.30 -10.86 6.71
CA ILE A 172 1.26 -10.79 5.26
C ILE A 172 0.24 -9.76 4.84
N THR A 173 0.62 -8.87 3.93
CA THR A 173 -0.33 -7.91 3.38
C THR A 173 -0.61 -8.30 1.94
N LEU A 174 -1.90 -8.50 1.65
CA LEU A 174 -2.31 -9.00 0.34
C LEU A 174 -3.21 -8.00 -0.38
N ARG A 175 -2.87 -7.65 -1.61
CA ARG A 175 -3.80 -6.87 -2.44
C ARG A 175 -4.63 -7.80 -3.32
N ILE A 176 -5.94 -7.74 -3.13
CA ILE A 176 -6.86 -8.57 -3.87
C ILE A 176 -7.68 -7.73 -4.84
N ARG A 177 -7.59 -8.08 -6.12
CA ARG A 177 -8.45 -7.44 -7.12
C ARG A 177 -9.44 -8.44 -7.70
N PHE A 178 -10.64 -7.95 -8.01
CA PHE A 178 -11.74 -8.81 -8.42
C PHE A 178 -12.12 -8.58 -9.87
N ALA A 179 -12.77 -9.59 -10.45
CA ALA A 179 -13.33 -9.47 -11.78
C ALA A 179 -14.55 -10.38 -11.88
N LEU A 180 -15.36 -10.15 -12.90
CA LEU A 180 -16.60 -10.90 -13.09
C LEU A 180 -16.40 -12.15 -13.94
N ASN A 181 -17.16 -13.19 -13.61
CA ASN A 181 -17.21 -14.41 -14.41
C ASN A 181 -18.25 -14.33 -15.54
N ARG A 182 -18.61 -13.10 -15.91
CA ARG A 182 -19.70 -12.86 -16.86
C ARG A 182 -19.71 -13.81 -18.06
N ARG A 183 -20.88 -14.40 -18.29
CA ARG A 183 -21.14 -15.22 -19.46
C ARG A 183 -21.75 -14.34 -20.56
N GLU A 184 -21.73 -14.83 -21.79
CA GLU A 184 -22.18 -14.05 -22.94
C GLU A 184 -23.57 -13.45 -22.70
N SER A 185 -24.40 -14.19 -21.98
CA SER A 185 -25.77 -13.76 -21.69
C SER A 185 -25.80 -12.56 -20.75
N GLY A 186 -24.68 -12.29 -20.10
CA GLY A 186 -24.61 -11.26 -19.08
C GLY A 186 -24.60 -11.91 -17.71
N PHE A 187 -24.97 -13.18 -17.67
CA PHE A 187 -25.04 -13.94 -16.42
C PHE A 187 -23.70 -14.02 -15.68
N ILE A 188 -23.69 -13.63 -14.42
CA ILE A 188 -22.50 -13.71 -13.58
C ILE A 188 -22.38 -15.10 -12.94
N SER A 189 -21.41 -15.87 -13.39
CA SER A 189 -21.20 -17.21 -12.85
C SER A 189 -20.73 -17.15 -11.39
N GLY A 190 -19.99 -16.08 -11.08
CA GLY A 190 -19.45 -15.89 -9.74
C GLY A 190 -18.33 -14.86 -9.76
N LEU A 191 -17.43 -14.93 -8.78
CA LEU A 191 -16.36 -13.94 -8.62
C LEU A 191 -14.97 -14.50 -8.87
N ILE A 192 -14.07 -13.67 -9.43
CA ILE A 192 -12.69 -14.09 -9.63
C ILE A 192 -11.69 -13.13 -9.02
N ALA A 193 -11.05 -13.59 -7.96
CA ALA A 193 -10.10 -12.77 -7.21
C ALA A 193 -8.66 -13.22 -7.41
N VAL A 194 -7.79 -12.26 -7.62
CA VAL A 194 -6.36 -12.49 -7.68
C VAL A 194 -5.72 -11.76 -6.51
N LEU A 195 -4.86 -12.47 -5.77
CA LEU A 195 -4.18 -11.88 -4.61
C LEU A 195 -2.68 -11.79 -4.82
N HIS A 196 -2.19 -10.56 -4.96
CA HIS A 196 -0.75 -10.30 -5.03
C HIS A 196 -0.26 -10.09 -3.61
N ASP A 197 0.92 -10.61 -3.30
CA ASP A 197 1.51 -10.39 -1.99
C ASP A 197 2.32 -9.11 -2.05
N ALA A 198 1.83 -8.09 -1.38
CA ALA A 198 2.49 -6.80 -1.35
C ALA A 198 3.07 -6.57 0.04
N THR A 199 3.31 -7.67 0.76
CA THR A 199 3.68 -7.61 2.18
C THR A 199 5.00 -6.88 2.47
N GLU A 200 5.84 -6.73 1.45
CA GLU A 200 7.09 -5.99 1.57
C GLU A 200 6.89 -4.51 1.32
N GLN A 201 6.30 -4.16 0.18
CA GLN A 201 6.01 -2.78 -0.16
C GLN A 201 5.34 -2.09 1.02
N GLU A 202 4.42 -2.80 1.66
CA GLU A 202 3.78 -2.31 2.87
C GLU A 202 4.83 -1.87 3.88
N LYS A 203 5.80 -2.75 4.12
CA LYS A 203 6.92 -2.45 5.01
C LYS A 203 7.64 -1.18 4.60
N GLU A 204 8.20 -1.16 3.39
CA GLU A 204 8.93 0.03 2.91
C GLU A 204 8.11 1.32 3.16
N GLU A 205 6.80 1.21 2.99
CA GLU A 205 5.95 2.35 3.29
C GLU A 205 5.98 2.70 4.76
N ARG A 206 5.66 1.75 5.64
CA ARG A 206 5.70 2.09 7.07
C ARG A 206 7.09 2.55 7.56
N GLU A 207 8.15 2.11 6.88
CA GLU A 207 9.48 2.57 7.18
C GLU A 207 9.58 4.06 6.88
N ARG A 208 9.19 4.46 5.67
CA ARG A 208 9.31 5.89 5.36
C ARG A 208 8.33 6.80 6.13
N ARG A 209 7.09 6.34 6.26
CA ARG A 209 6.11 6.96 7.15
C ARG A 209 6.76 7.23 8.50
N LEU A 210 7.37 6.18 9.03
CA LEU A 210 8.11 6.22 10.27
C LEU A 210 9.17 7.32 10.28
N PHE A 211 10.01 7.34 9.24
CA PHE A 211 11.05 8.35 9.14
C PHE A 211 10.48 9.76 9.26
N VAL A 212 9.42 10.06 8.52
CA VAL A 212 8.81 11.39 8.60
C VAL A 212 8.35 11.70 10.01
N SER A 213 7.53 10.83 10.59
CA SER A 213 7.04 11.06 11.95
C SER A 213 8.21 11.35 12.91
N ASN A 214 9.22 10.49 12.88
CA ASN A 214 10.42 10.71 13.66
C ASN A 214 11.03 12.08 13.43
N VAL A 215 11.63 12.33 12.27
CA VAL A 215 12.28 13.61 12.02
C VAL A 215 11.45 14.80 12.46
N SER A 216 10.14 14.73 12.30
CA SER A 216 9.29 15.82 12.76
C SER A 216 9.26 15.92 14.29
N HIS A 217 9.18 14.77 14.97
CA HIS A 217 9.12 14.75 16.44
C HIS A 217 10.45 15.03 17.15
N GLU A 218 11.54 14.54 16.56
CA GLU A 218 12.84 14.53 17.22
C GLU A 218 13.64 15.81 17.05
N LEU A 219 13.35 16.57 16.00
CA LEU A 219 14.06 17.83 15.79
C LEU A 219 13.42 18.96 16.60
N ARG A 220 12.24 18.70 17.14
CA ARG A 220 11.44 19.71 17.81
C ARG A 220 12.20 20.51 18.87
N THR A 221 12.67 19.83 19.91
CA THR A 221 13.29 20.49 21.06
C THR A 221 14.65 21.16 20.81
N PRO A 222 15.56 20.50 20.07
CA PRO A 222 16.79 21.19 19.68
C PRO A 222 16.49 22.45 18.87
N LEU A 223 15.50 22.34 17.98
CA LEU A 223 15.09 23.48 17.16
C LEU A 223 14.56 24.62 18.04
N THR A 224 13.73 24.26 19.01
CA THR A 224 13.21 25.24 19.96
C THR A 224 14.32 25.86 20.81
N SER A 225 15.36 25.10 21.10
CA SER A 225 16.52 25.63 21.80
C SER A 225 17.19 26.69 20.94
N VAL A 226 17.71 26.25 19.79
CA VAL A 226 18.38 27.18 18.88
C VAL A 226 17.54 28.45 18.76
N LYS A 227 16.23 28.25 18.62
CA LYS A 227 15.32 29.39 18.60
C LYS A 227 15.59 30.23 19.84
N SER A 228 15.17 29.74 21.00
CA SER A 228 15.32 30.49 22.25
C SER A 228 16.63 31.25 22.39
N TYR A 229 17.75 30.61 22.08
CA TYR A 229 19.05 31.27 22.20
C TYR A 229 19.20 32.41 21.22
N LEU A 230 18.99 32.15 19.92
CA LEU A 230 19.12 33.21 18.92
C LEU A 230 18.08 34.32 19.12
N GLU A 231 16.98 33.97 19.76
CA GLU A 231 15.83 34.84 19.93
C GLU A 231 16.04 35.80 21.08
N ALA A 232 16.25 35.26 22.29
CA ALA A 232 16.62 36.09 23.41
C ALA A 232 17.85 36.90 23.01
N LEU A 233 18.77 36.26 22.30
CA LEU A 233 20.04 36.87 21.92
C LEU A 233 19.94 37.88 20.78
N ASP A 234 18.78 37.96 20.13
CA ASP A 234 18.57 39.00 19.12
C ASP A 234 18.52 40.36 19.82
N ASP A 235 18.39 40.30 21.14
CA ASP A 235 18.56 41.47 22.01
C ASP A 235 19.42 41.06 23.20
N GLY A 236 20.72 41.34 23.09
CA GLY A 236 21.70 40.80 24.01
C GLY A 236 22.84 40.14 23.25
N ALA A 237 22.98 40.54 21.98
CA ALA A 237 24.09 40.09 21.16
C ALA A 237 25.42 40.61 21.70
N LEU A 238 25.40 41.84 22.22
CA LEU A 238 26.61 42.42 22.81
C LEU A 238 26.98 41.58 24.01
N THR A 239 26.36 41.91 25.14
CA THR A 239 26.64 41.28 26.43
C THR A 239 27.58 40.08 26.31
N GLU A 240 28.85 40.38 26.03
CA GLU A 240 29.81 39.31 25.78
C GLU A 240 30.00 38.42 26.99
N SER A 241 29.34 38.76 28.10
CA SER A 241 29.32 37.90 29.28
C SER A 241 28.46 36.66 29.07
N VAL A 242 27.77 36.61 27.94
CA VAL A 242 26.90 35.46 27.64
C VAL A 242 26.98 35.07 26.18
N ALA A 243 27.05 36.07 25.31
CA ALA A 243 26.92 35.90 23.87
C ALA A 243 27.89 34.90 23.23
N PRO A 244 29.16 34.87 23.69
CA PRO A 244 30.11 33.97 23.02
C PRO A 244 29.65 32.51 23.11
N SER A 245 29.20 32.10 24.29
CA SER A 245 28.73 30.73 24.49
C SER A 245 27.41 30.52 23.76
N PHE A 246 26.46 31.43 23.95
CA PHE A 246 25.16 31.33 23.31
C PHE A 246 25.29 30.84 21.88
N ILE A 247 26.02 31.60 21.06
CA ILE A 247 26.25 31.23 19.67
C ILE A 247 26.80 29.80 19.54
N LYS A 248 27.66 29.42 20.47
CA LYS A 248 28.34 28.13 20.39
C LYS A 248 27.42 26.94 20.71
N VAL A 249 26.58 27.08 21.74
CA VAL A 249 25.62 26.03 22.08
C VAL A 249 24.55 25.89 21.00
N SER A 250 24.18 27.00 20.37
CA SER A 250 23.24 26.96 19.27
C SER A 250 23.87 26.32 18.03
N LEU A 251 25.14 26.61 17.79
CA LEU A 251 25.86 26.01 16.69
C LEU A 251 25.96 24.50 16.88
N ASP A 252 26.40 24.09 18.08
CA ASP A 252 26.53 22.69 18.42
C ASP A 252 25.19 21.97 18.27
N GLU A 253 24.10 22.70 18.47
CA GLU A 253 22.76 22.13 18.42
C GLU A 253 22.25 21.90 16.99
N THR A 254 22.59 22.79 16.08
CA THR A 254 22.22 22.61 14.67
C THR A 254 23.09 21.53 14.03
N ASN A 255 24.30 21.38 14.55
CA ASN A 255 25.20 20.32 14.12
C ASN A 255 24.71 18.96 14.63
N ARG A 256 24.22 18.98 15.87
CA ARG A 256 23.58 17.81 16.46
C ARG A 256 22.35 17.40 15.64
N MET A 257 21.54 18.39 15.24
CA MET A 257 20.33 18.14 14.46
C MET A 257 20.62 17.52 13.09
N MET A 258 21.77 17.85 12.52
CA MET A 258 22.15 17.29 11.23
C MET A 258 22.60 15.83 11.34
N ARG A 259 23.47 15.54 12.30
CA ARG A 259 23.88 14.15 12.55
C ARG A 259 22.66 13.34 12.95
N MET A 260 21.69 14.01 13.55
CA MET A 260 20.42 13.41 13.91
C MET A 260 19.70 12.93 12.64
N ILE A 261 19.55 13.84 11.69
CA ILE A 261 18.90 13.54 10.41
C ILE A 261 19.47 12.29 9.75
N THR A 262 20.79 12.29 9.53
CA THR A 262 21.42 11.16 8.86
C THR A 262 21.10 9.86 9.58
N ASP A 263 21.20 9.88 10.91
CA ASP A 263 20.84 8.70 11.71
C ASP A 263 19.42 8.24 11.37
N LEU A 264 18.45 9.12 11.62
CA LEU A 264 17.04 8.80 11.42
C LEU A 264 16.72 8.20 10.04
N LEU A 265 17.42 8.66 9.01
CA LEU A 265 17.28 8.08 7.67
C LEU A 265 17.79 6.65 7.62
N SER A 266 19.04 6.46 8.02
CA SER A 266 19.67 5.14 7.99
C SER A 266 18.91 4.12 8.82
N LEU A 267 18.02 4.60 9.69
CA LEU A 267 17.25 3.72 10.57
C LEU A 267 16.22 2.92 9.78
N SER A 268 15.83 3.44 8.63
CA SER A 268 14.87 2.77 7.76
C SER A 268 15.46 2.50 6.38
N ARG A 269 16.69 2.98 6.17
CA ARG A 269 17.32 2.95 4.85
C ARG A 269 17.50 1.52 4.32
N SER A 275 21.81 2.92 12.38
CA SER A 275 22.37 3.85 13.35
C SER A 275 23.84 3.53 13.63
N HIS A 276 24.50 4.39 14.42
CA HIS A 276 25.91 4.24 14.72
C HIS A 276 26.25 4.97 16.02
N LEU A 277 27.11 4.37 16.85
CA LEU A 277 27.41 4.95 18.16
C LEU A 277 28.85 5.42 18.32
N ASP A 278 29.05 6.41 19.18
CA ASP A 278 30.37 6.95 19.51
C ASP A 278 30.37 7.33 20.99
N VAL A 279 31.52 7.21 21.65
CA VAL A 279 31.59 7.48 23.08
C VAL A 279 32.88 8.18 23.54
N GLU A 280 32.71 9.10 24.49
CA GLU A 280 33.84 9.74 25.16
C GLU A 280 33.51 9.90 26.64
N LEU A 281 34.52 10.08 27.46
CA LEU A 281 34.34 10.26 28.90
C LEU A 281 33.94 11.71 29.18
N THR A 282 32.79 11.91 29.79
CA THR A 282 32.33 13.26 30.11
C THR A 282 31.82 13.39 31.55
N ASN A 283 31.86 14.61 32.07
CA ASN A 283 31.34 14.90 33.40
C ASN A 283 29.82 14.99 33.36
N PHE A 284 29.15 14.00 33.96
CA PHE A 284 27.71 13.84 33.77
C PHE A 284 26.83 14.88 34.46
N THR A 285 27.29 15.41 35.59
CA THR A 285 26.51 16.44 36.27
C THR A 285 26.53 17.68 35.39
N ALA A 286 27.71 17.91 34.79
CA ALA A 286 27.88 18.99 33.84
C ALA A 286 26.95 18.78 32.65
N PHE A 287 26.84 17.53 32.23
CA PHE A 287 25.95 17.17 31.12
C PHE A 287 24.54 17.67 31.44
N MET A 288 23.96 17.09 32.50
CA MET A 288 22.60 17.44 32.93
C MET A 288 22.41 18.93 33.14
N ASN A 289 23.48 19.63 33.49
CA ASN A 289 23.40 21.08 33.64
C ASN A 289 23.32 21.81 32.30
N TYR A 290 24.05 21.30 31.31
CA TYR A 290 23.98 21.80 29.94
C TYR A 290 22.57 21.56 29.40
N ILE A 291 22.24 20.28 29.29
CA ILE A 291 20.94 19.83 28.83
C ILE A 291 19.80 20.60 29.51
N LEU A 292 19.86 20.71 30.84
CA LEU A 292 18.80 21.36 31.60
C LEU A 292 18.78 22.87 31.45
N ASP A 293 19.95 23.48 31.26
CA ASP A 293 20.03 24.91 31.04
C ASP A 293 19.38 25.27 29.72
N ARG A 294 19.49 24.37 28.75
CA ARG A 294 18.77 24.55 27.48
C ARG A 294 17.27 24.77 27.70
N PHE A 295 16.62 23.82 28.36
CA PHE A 295 15.20 23.93 28.70
C PHE A 295 14.91 25.18 29.52
N ASP A 296 15.74 25.40 30.55
CA ASP A 296 15.64 26.60 31.38
C ASP A 296 15.46 27.83 30.50
N GLN A 297 16.44 28.07 29.63
CA GLN A 297 16.37 29.21 28.72
C GLN A 297 15.08 29.17 27.90
N ILE A 298 14.76 28.01 27.35
CA ILE A 298 13.57 27.88 26.51
C ILE A 298 12.31 28.42 27.18
N GLN A 299 12.12 28.14 28.47
CA GLN A 299 10.87 28.55 29.12
C GLN A 299 10.80 30.05 29.44
N SER A 300 11.94 30.72 29.46
CA SER A 300 11.98 32.14 29.81
C SER A 300 11.24 33.01 28.79
N GLN A 301 10.69 32.36 27.77
CA GLN A 301 9.92 33.06 26.74
C GLN A 301 8.95 32.14 26.01
N GLN A 302 7.65 32.31 26.27
CA GLN A 302 7.14 33.31 27.20
C GLN A 302 5.69 33.04 27.59
N SER A 303 5.14 31.95 27.08
CA SER A 303 3.71 31.67 27.22
C SER A 303 3.34 31.21 28.63
N THR A 304 3.51 29.91 28.89
CA THR A 304 3.10 29.33 30.17
C THR A 304 3.85 28.05 30.51
N GLU A 309 6.29 25.81 34.35
CA GLU A 309 6.79 24.61 35.01
C GLU A 309 8.24 24.74 35.47
N ILE A 310 8.52 24.25 36.68
CA ILE A 310 9.84 24.38 37.28
C ILE A 310 10.58 23.05 37.44
N ILE A 311 11.85 23.03 37.03
CA ILE A 311 12.69 21.84 37.12
C ILE A 311 13.88 22.10 38.04
N ARG A 312 14.08 21.22 39.00
CA ARG A 312 15.17 21.38 39.94
C ARG A 312 16.19 20.27 39.79
N ASP A 313 17.45 20.66 39.59
CA ASP A 313 18.53 19.69 39.57
C ASP A 313 18.62 19.01 40.94
N TYR A 314 18.61 17.68 40.92
CA TYR A 314 18.79 16.90 42.15
C TYR A 314 20.08 16.05 42.08
N PRO A 315 21.03 16.41 41.20
CA PRO A 315 22.37 15.86 41.40
C PRO A 315 23.12 16.66 42.46
N ASP A 316 24.44 16.51 42.52
CA ASP A 316 25.25 17.29 43.43
C ASP A 316 26.38 18.00 42.70
N LYS A 317 27.47 17.28 42.41
CA LYS A 317 28.60 17.88 41.71
C LYS A 317 29.69 16.89 41.28
N SER A 318 29.80 16.67 39.96
CA SER A 318 30.90 15.89 39.39
C SER A 318 30.73 14.37 39.34
N VAL A 319 30.28 13.86 38.20
CA VAL A 319 30.27 12.42 37.92
C VAL A 319 30.79 12.13 36.51
N TRP A 320 31.83 11.31 36.43
CA TRP A 320 32.51 11.04 35.16
C TRP A 320 32.12 9.69 34.54
N ILE A 321 31.65 9.73 33.30
CA ILE A 321 31.18 8.50 32.65
C ILE A 321 31.32 8.57 31.13
N GLU A 322 31.65 7.43 30.53
CA GLU A 322 31.80 7.31 29.08
C GLU A 322 30.45 7.13 28.40
N ILE A 323 30.08 8.08 27.55
CA ILE A 323 28.80 8.03 26.84
C ILE A 323 28.89 8.76 25.51
N ASP A 324 27.81 8.71 24.75
CA ASP A 324 27.68 9.54 23.56
C ASP A 324 26.94 10.81 23.94
N THR A 325 27.64 11.92 23.91
CA THR A 325 27.04 13.21 24.20
C THR A 325 25.71 13.37 23.45
N ASP A 326 25.77 13.30 22.13
CA ASP A 326 24.60 13.52 21.27
C ASP A 326 23.38 12.69 21.67
N LYS A 327 23.54 11.38 21.62
CA LYS A 327 22.42 10.46 21.77
C LYS A 327 21.85 10.45 23.19
N MET A 328 22.72 10.69 24.17
CA MET A 328 22.27 10.81 25.55
C MET A 328 21.45 12.07 25.68
N THR A 329 21.92 13.14 25.03
CA THR A 329 21.15 14.37 24.97
C THR A 329 19.78 14.11 24.36
N GLN A 330 19.72 13.26 23.32
CA GLN A 330 18.44 12.86 22.73
C GLN A 330 17.52 12.21 23.75
N VAL A 331 18.05 11.22 24.45
CA VAL A 331 17.27 10.52 25.47
C VAL A 331 16.69 11.48 26.51
N ILE A 332 17.58 12.21 27.19
CA ILE A 332 17.15 13.13 28.22
C ILE A 332 16.15 14.12 27.67
N ASP A 333 16.45 14.63 26.48
CA ASP A 333 15.59 15.58 25.79
C ASP A 333 14.16 15.07 25.70
N ASN A 334 13.99 13.85 25.21
CA ASN A 334 12.65 13.28 25.05
C ASN A 334 11.94 13.00 26.36
N ILE A 335 12.67 12.40 27.30
CA ILE A 335 12.10 12.06 28.60
C ILE A 335 11.58 13.32 29.29
N LEU A 336 12.39 14.37 29.25
CA LEU A 336 11.96 15.70 29.71
C LEU A 336 10.79 16.21 28.89
N ASN A 337 10.81 15.94 27.58
CA ASN A 337 9.72 16.32 26.70
C ASN A 337 8.39 15.90 27.30
N ASN A 338 8.14 14.60 27.34
CA ASN A 338 6.84 14.17 27.86
C ASN A 338 6.69 14.40 29.36
N ALA A 339 7.81 14.55 30.06
CA ALA A 339 7.78 14.84 31.49
C ALA A 339 7.07 16.17 31.72
N ILE A 340 7.40 17.16 30.89
CA ILE A 340 6.76 18.46 30.93
C ILE A 340 5.37 18.39 30.32
N LYS A 341 5.29 17.76 29.15
CA LYS A 341 4.01 17.55 28.45
C LYS A 341 2.90 17.11 29.40
N TYR A 342 3.17 16.06 30.19
CA TYR A 342 2.14 15.49 31.06
C TYR A 342 1.94 16.26 32.37
N SER A 343 2.90 17.11 32.73
CA SER A 343 2.84 17.81 34.02
C SER A 343 1.87 18.98 34.00
N PRO A 344 0.83 18.92 34.86
CA PRO A 344 -0.20 19.96 34.97
C PRO A 344 0.16 21.07 35.96
N ASP A 345 -0.49 22.22 35.81
CA ASP A 345 -0.34 23.35 36.74
C ASP A 345 1.10 23.64 37.16
N GLY A 346 1.78 24.49 36.41
CA GLY A 346 3.18 24.74 36.64
C GLY A 346 3.95 23.47 36.33
N GLY A 347 4.91 23.11 37.17
CA GLY A 347 5.58 21.85 36.96
C GLY A 347 6.46 21.32 38.06
N LYS A 348 6.16 20.10 38.49
CA LYS A 348 7.05 19.33 39.33
C LYS A 348 7.79 18.35 38.43
N VAL A 349 8.96 18.75 37.96
CA VAL A 349 9.80 17.87 37.18
C VAL A 349 11.12 17.74 37.90
N THR A 350 11.36 16.57 38.50
CA THR A 350 12.51 16.38 39.36
C THR A 350 13.56 15.46 38.74
N ILE A 351 14.69 16.04 38.34
CA ILE A 351 15.81 15.27 37.83
C ILE A 351 16.75 14.93 38.97
N THR A 352 16.65 13.71 39.47
CA THR A 352 17.45 13.24 40.60
C THR A 352 18.35 12.07 40.20
N MET A 353 19.65 12.31 40.16
CA MET A 353 20.60 11.26 39.77
C MET A 353 21.65 10.98 40.85
N GLN A 354 21.87 9.70 41.13
CA GLN A 354 22.82 9.28 42.17
C GLN A 354 23.79 8.23 41.65
N THR A 355 24.97 8.15 42.28
CA THR A 355 26.01 7.23 41.83
C THR A 355 26.34 6.15 42.86
N THR A 356 26.59 4.95 42.38
CA THR A 356 26.97 3.82 43.23
C THR A 356 28.03 2.97 42.53
N ASP A 357 28.03 1.67 42.83
CA ASP A 357 28.97 0.75 42.20
C ASP A 357 28.36 0.09 40.97
N THR A 358 27.04 0.21 40.84
CA THR A 358 26.35 -0.11 39.60
C THR A 358 26.37 1.15 38.75
N GLN A 359 27.19 2.10 39.20
CA GLN A 359 27.37 3.38 38.52
C GLN A 359 26.11 4.24 38.48
N LEU A 360 25.89 4.91 37.36
CA LEU A 360 24.90 5.99 37.27
C LEU A 360 23.44 5.55 37.35
N ILE A 361 22.69 6.18 38.24
CA ILE A 361 21.25 5.96 38.32
C ILE A 361 20.51 7.29 38.27
N LEU A 362 19.99 7.61 37.09
CA LEU A 362 19.40 8.91 36.80
C LEU A 362 17.88 8.78 36.78
N SER A 363 17.17 9.68 37.46
CA SER A 363 15.72 9.59 37.48
C SER A 363 15.06 10.91 37.10
N ILE A 364 13.94 10.82 36.38
CA ILE A 364 13.15 12.00 36.05
C ILE A 364 11.69 11.81 36.48
N SER A 365 11.25 12.67 37.39
CA SER A 365 9.92 12.56 37.98
C SER A 365 9.01 13.69 37.50
N ASP A 366 7.70 13.42 37.47
CA ASP A 366 6.73 14.41 37.00
C ASP A 366 5.36 14.25 37.64
N GLN A 367 4.40 15.07 37.20
CA GLN A 367 3.04 15.04 37.71
C GLN A 367 2.07 14.41 36.70
N GLY A 368 0.78 14.69 36.87
CA GLY A 368 -0.24 14.17 35.97
C GLY A 368 -0.47 12.69 36.12
N LEU A 369 -0.52 11.97 34.99
CA LEU A 369 -0.74 10.54 35.00
C LEU A 369 0.21 9.86 34.01
N GLY A 370 0.38 8.54 34.14
CA GLY A 370 1.20 7.78 33.21
C GLY A 370 0.66 6.40 32.85
N ILE A 371 -0.05 5.77 33.79
CA ILE A 371 -0.59 4.42 33.59
C ILE A 371 -1.66 4.48 32.49
N PRO A 372 -2.24 3.32 32.08
CA PRO A 372 -2.18 1.96 32.61
C PRO A 372 -0.96 1.18 32.14
N LYS A 373 -0.97 -0.12 32.44
CA LYS A 373 0.04 -1.02 31.93
C LYS A 373 -0.33 -1.41 30.50
N LYS A 374 -1.31 -0.70 29.94
CA LYS A 374 -1.67 -0.88 28.54
C LYS A 374 -0.72 -0.07 27.68
N ASP A 375 -0.53 1.19 28.05
CA ASP A 375 0.37 2.07 27.33
C ASP A 375 1.82 1.85 27.76
N LEU A 376 2.00 1.60 29.06
CA LEU A 376 3.33 1.50 29.66
C LEU A 376 4.31 0.66 28.83
N PRO A 377 3.96 -0.61 28.55
CA PRO A 377 4.91 -1.50 27.88
C PRO A 377 5.18 -1.14 26.41
N LEU A 378 4.26 -0.45 25.77
CA LEU A 378 4.36 -0.20 24.33
C LEU A 378 5.19 1.03 23.96
N ILE A 379 5.29 1.98 24.88
CA ILE A 379 5.91 3.27 24.59
C ILE A 379 7.36 3.17 24.16
N PHE A 380 7.98 2.02 24.37
CA PHE A 380 9.38 1.83 23.99
C PHE A 380 9.54 1.09 22.68
N ASP A 381 8.42 0.63 22.10
CA ASP A 381 8.48 -0.15 20.87
C ASP A 381 8.54 0.73 19.61
N ARG A 382 9.35 0.31 18.64
CA ARG A 382 9.73 1.13 17.50
C ARG A 382 8.60 1.93 16.84
N PHE A 383 7.68 1.23 16.20
CA PHE A 383 6.68 1.86 15.34
C PHE A 383 5.52 2.52 16.10
N TYR A 384 5.65 2.59 17.43
CA TYR A 384 4.65 3.25 18.26
C TYR A 384 4.17 4.56 17.66
N ARG A 385 5.07 5.54 17.58
CA ARG A 385 4.71 6.89 17.14
C ARG A 385 3.87 6.95 15.85
N VAL A 386 4.12 6.00 14.96
CA VAL A 386 3.37 5.88 13.70
C VAL A 386 2.04 5.14 13.86
N ASP A 387 2.10 3.88 14.30
CA ASP A 387 0.91 3.01 14.36
C ASP A 387 -0.03 3.30 15.54
N LYS A 388 0.19 4.40 16.25
CA LYS A 388 -0.59 4.69 17.46
C LYS A 388 -2.07 4.96 17.16
N ALA A 389 -2.79 5.36 18.20
CA ALA A 389 -4.20 5.76 18.05
C ALA A 389 -4.33 7.28 18.22
N ARG A 390 -3.22 7.92 18.58
CA ARG A 390 -3.16 9.37 18.73
C ARG A 390 -1.74 9.83 19.03
N GLY A 398 0.43 8.50 23.81
CA GLY A 398 1.72 8.64 24.46
C GLY A 398 2.56 9.74 23.83
N LEU A 399 3.86 9.49 23.70
CA LEU A 399 4.74 10.43 23.04
C LEU A 399 5.71 9.74 22.09
N GLY A 400 6.76 9.16 22.65
CA GLY A 400 7.84 8.63 21.83
C GLY A 400 8.83 7.81 22.64
N LEU A 401 10.07 8.28 22.70
CA LEU A 401 11.12 7.70 23.55
C LEU A 401 11.48 6.21 23.35
N ALA A 402 11.12 5.64 22.21
CA ALA A 402 11.61 4.31 21.85
C ALA A 402 13.09 4.45 21.51
N ILE A 403 13.40 5.44 20.69
CA ILE A 403 14.77 5.74 20.31
C ILE A 403 15.60 6.10 21.54
N ALA A 404 14.95 6.68 22.54
CA ALA A 404 15.62 6.96 23.81
C ALA A 404 16.07 5.66 24.44
N LYS A 405 15.11 4.76 24.64
CA LYS A 405 15.41 3.47 25.25
C LYS A 405 16.51 2.76 24.50
N GLU A 406 16.49 2.88 23.18
CA GLU A 406 17.49 2.19 22.36
C GLU A 406 18.89 2.81 22.48
N ILE A 407 18.95 4.13 22.57
CA ILE A 407 20.23 4.80 22.79
C ILE A 407 20.76 4.44 24.19
N VAL A 408 19.84 4.12 25.10
CA VAL A 408 20.22 3.67 26.44
C VAL A 408 20.74 2.23 26.42
N LYS A 409 20.10 1.38 25.62
CA LYS A 409 20.50 -0.02 25.51
C LYS A 409 21.81 -0.18 24.76
N GLN A 410 22.08 0.74 23.83
CA GLN A 410 23.36 0.74 23.11
C GLN A 410 24.48 1.15 24.04
N HIS A 411 24.10 1.68 25.20
CA HIS A 411 25.05 2.03 26.25
C HIS A 411 25.12 0.92 27.30
N LYS A 412 24.51 -0.21 26.98
CA LYS A 412 24.48 -1.34 27.90
C LYS A 412 23.83 -0.90 29.21
N GLY A 413 22.82 -0.05 29.09
CA GLY A 413 22.10 0.45 30.25
C GLY A 413 20.68 -0.08 30.32
N PHE A 414 19.95 0.35 31.34
CA PHE A 414 18.55 -0.03 31.50
C PHE A 414 17.69 1.21 31.63
N ILE A 415 16.43 1.10 31.26
CA ILE A 415 15.54 2.25 31.30
C ILE A 415 14.09 1.83 31.53
N TRP A 416 13.61 2.05 32.75
CA TRP A 416 12.24 1.66 33.07
C TRP A 416 11.41 2.84 33.52
N ALA A 417 10.17 2.57 33.93
CA ALA A 417 9.31 3.62 34.44
C ALA A 417 8.21 3.08 35.33
N ASN A 418 7.89 3.81 36.39
CA ASN A 418 6.66 3.56 37.14
C ASN A 418 5.82 4.81 37.00
N SER A 419 4.51 4.67 37.11
CA SER A 419 3.65 5.84 37.03
C SER A 419 2.24 5.55 37.49
N GLU A 420 1.69 6.45 38.28
CA GLU A 420 0.33 6.28 38.76
C GLU A 420 -0.41 7.61 38.66
N GLU A 421 -1.66 7.56 38.21
CA GLU A 421 -2.46 8.77 38.06
C GLU A 421 -2.45 9.59 39.34
N GLY A 422 -2.52 10.91 39.20
CA GLY A 422 -2.53 11.80 40.34
C GLY A 422 -1.34 11.62 41.25
N GLU A 423 -0.28 11.04 40.69
CA GLU A 423 0.98 10.83 41.41
C GLU A 423 2.10 11.29 40.49
N GLY A 424 2.01 10.86 39.23
CA GLY A 424 2.98 11.24 38.22
C GLY A 424 3.70 10.05 37.61
N SER A 425 4.72 10.35 36.83
CA SER A 425 5.57 9.33 36.23
C SER A 425 7.04 9.52 36.63
N THR A 426 7.69 8.41 36.93
CA THR A 426 9.13 8.41 37.10
C THR A 426 9.80 7.49 36.10
N PHE A 427 10.70 8.08 35.31
CA PHE A 427 11.54 7.34 34.39
C PHE A 427 12.87 7.14 35.09
N THR A 428 13.47 5.99 34.86
CA THR A 428 14.76 5.70 35.45
C THR A 428 15.72 5.12 34.42
N ILE A 429 16.94 5.62 34.44
CA ILE A 429 17.99 5.23 33.51
C ILE A 429 19.22 4.76 34.29
N VAL A 430 19.75 3.61 33.91
CA VAL A 430 20.89 3.04 34.60
C VAL A 430 22.08 2.90 33.65
N LEU A 431 23.12 3.67 33.92
CA LEU A 431 24.34 3.63 33.09
C LEU A 431 25.51 2.99 33.83
N PRO A 432 26.32 2.22 33.10
CA PRO A 432 27.46 1.47 33.63
C PRO A 432 28.54 2.39 34.23
N ILE B 28 -41.58 -70.29 -41.43
CA ILE B 28 -41.56 -69.09 -42.28
C ILE B 28 -41.29 -67.83 -41.45
N PHE B 29 -41.63 -67.87 -40.16
CA PHE B 29 -41.33 -66.76 -39.25
C PHE B 29 -39.87 -66.80 -38.80
N LEU B 30 -39.17 -67.85 -39.21
CA LEU B 30 -37.73 -67.95 -39.05
C LEU B 30 -37.05 -66.88 -39.91
N ASN B 31 -37.51 -66.78 -41.16
CA ASN B 31 -37.12 -65.69 -42.04
C ASN B 31 -37.33 -64.34 -41.36
N TYR B 32 -38.49 -64.19 -40.73
CA TYR B 32 -38.81 -62.98 -39.97
C TYR B 32 -37.73 -62.71 -38.93
N ARG B 33 -37.49 -63.68 -38.06
CA ARG B 33 -36.45 -63.53 -37.04
C ARG B 33 -35.14 -63.04 -37.65
N GLU B 34 -34.67 -63.72 -38.69
CA GLU B 34 -33.45 -63.30 -39.38
C GLU B 34 -33.51 -61.82 -39.74
N TYR B 35 -34.62 -61.44 -40.38
CA TYR B 35 -34.86 -60.05 -40.74
C TYR B 35 -34.66 -59.12 -39.54
N LYS B 36 -35.47 -59.31 -38.51
CA LYS B 36 -35.41 -58.49 -37.30
C LYS B 36 -33.98 -58.35 -36.78
N ASN B 37 -33.30 -59.47 -36.59
CA ASN B 37 -31.91 -59.43 -36.12
C ASN B 37 -31.03 -58.57 -37.00
N ASN B 38 -30.88 -58.97 -38.27
CA ASN B 38 -30.01 -58.22 -39.16
C ASN B 38 -30.33 -56.72 -39.16
N ASN B 39 -31.61 -56.39 -39.07
CA ASN B 39 -32.03 -54.98 -39.05
C ASN B 39 -31.61 -54.30 -37.75
N GLN B 40 -31.57 -55.07 -36.67
CA GLN B 40 -31.11 -54.58 -35.39
C GLN B 40 -29.63 -54.28 -35.46
N VAL B 41 -28.88 -55.17 -36.12
CA VAL B 41 -27.44 -54.98 -36.30
C VAL B 41 -27.16 -53.75 -37.16
N LYS B 42 -27.94 -53.58 -38.22
CA LYS B 42 -27.81 -52.40 -39.06
C LYS B 42 -28.09 -51.13 -38.26
N GLN B 43 -29.15 -51.16 -37.46
CA GLN B 43 -29.50 -50.06 -36.57
C GLN B 43 -28.31 -49.73 -35.67
N LEU B 44 -27.69 -50.79 -35.14
CA LEU B 44 -26.50 -50.66 -34.30
C LEU B 44 -25.38 -49.94 -35.02
N ASN B 45 -25.02 -50.42 -36.21
CA ASN B 45 -23.98 -49.76 -36.97
C ASN B 45 -24.31 -48.30 -37.23
N ALA B 46 -25.60 -48.01 -37.36
CA ALA B 46 -26.04 -46.62 -37.47
C ALA B 46 -25.61 -45.83 -36.23
N LYS B 47 -26.08 -46.29 -35.08
CA LYS B 47 -25.79 -45.63 -33.81
C LYS B 47 -24.29 -45.46 -33.55
N VAL B 48 -23.54 -46.55 -33.66
CA VAL B 48 -22.10 -46.53 -33.40
C VAL B 48 -21.28 -45.73 -34.41
N ARG B 49 -21.59 -45.86 -35.69
CA ARG B 49 -20.94 -45.04 -36.71
C ARG B 49 -21.21 -43.57 -36.40
N SER B 50 -22.41 -43.28 -35.90
CA SER B 50 -22.76 -41.92 -35.53
C SER B 50 -22.10 -41.46 -34.22
N LEU B 51 -21.65 -42.41 -33.42
CA LEU B 51 -20.84 -42.10 -32.24
C LEU B 51 -19.42 -41.73 -32.66
N ILE B 52 -18.83 -42.56 -33.53
CA ILE B 52 -17.49 -42.31 -34.01
C ILE B 52 -17.33 -40.90 -34.56
N THR B 53 -18.42 -40.33 -35.07
CA THR B 53 -18.38 -38.99 -35.61
C THR B 53 -18.73 -37.93 -34.57
N GLY B 54 -19.03 -38.38 -33.36
CA GLY B 54 -19.27 -37.48 -32.24
C GLY B 54 -20.69 -36.96 -32.15
N HIS B 55 -21.63 -37.68 -32.77
CA HIS B 55 -23.04 -37.28 -32.73
C HIS B 55 -23.90 -38.30 -31.98
N TYR B 56 -24.65 -37.81 -30.99
CA TYR B 56 -25.45 -38.67 -30.14
C TYR B 56 -26.85 -38.91 -30.68
N THR B 57 -27.27 -40.17 -30.70
CA THR B 57 -28.57 -40.54 -31.24
C THR B 57 -29.40 -41.29 -30.20
N ASP B 58 -30.70 -41.30 -30.39
CA ASP B 58 -31.64 -41.85 -29.41
C ASP B 58 -31.38 -43.32 -29.09
N LYS B 59 -31.80 -43.74 -27.90
CA LYS B 59 -31.70 -45.13 -27.49
C LYS B 59 -32.44 -46.03 -28.46
N LEU B 60 -32.05 -47.30 -28.52
CA LEU B 60 -32.66 -48.25 -29.43
C LEU B 60 -33.77 -49.07 -28.78
N LYS B 61 -34.45 -49.86 -29.60
CA LYS B 61 -35.52 -50.73 -29.14
C LYS B 61 -34.98 -52.09 -28.70
N VAL B 62 -35.16 -52.42 -27.42
CA VAL B 62 -34.73 -53.70 -26.88
C VAL B 62 -35.57 -54.85 -27.45
N GLU B 63 -34.91 -55.87 -27.95
CA GLU B 63 -35.57 -57.03 -28.53
C GLU B 63 -36.16 -57.96 -27.48
N ASP B 64 -36.47 -57.38 -26.31
CA ASP B 64 -36.92 -58.14 -25.16
C ASP B 64 -37.71 -59.41 -25.52
N ASN B 65 -37.09 -60.56 -25.26
CA ASN B 65 -35.72 -60.62 -24.76
C ASN B 65 -34.81 -61.48 -25.63
N SER B 66 -34.17 -60.84 -26.61
CA SER B 66 -33.14 -61.50 -27.41
C SER B 66 -31.80 -61.31 -26.68
N ASP B 67 -30.73 -61.87 -27.24
CA ASP B 67 -29.40 -61.59 -26.70
C ASP B 67 -28.80 -60.43 -27.49
N LEU B 68 -29.41 -60.14 -28.64
CA LEU B 68 -29.13 -58.93 -29.38
C LEU B 68 -29.70 -57.76 -28.58
N SER B 69 -30.67 -58.08 -27.73
CA SER B 69 -31.21 -57.13 -26.77
C SER B 69 -30.12 -56.69 -25.80
N GLU B 70 -29.33 -57.65 -25.33
CA GLU B 70 -28.26 -57.35 -24.39
C GLU B 70 -27.21 -56.43 -24.98
N LEU B 71 -26.78 -56.71 -26.20
CA LEU B 71 -25.82 -55.85 -26.88
C LEU B 71 -26.42 -54.47 -27.14
N VAL B 72 -27.51 -54.45 -27.91
CA VAL B 72 -28.20 -53.20 -28.21
C VAL B 72 -28.32 -52.32 -26.97
N ASN B 73 -28.68 -52.94 -25.84
CA ASN B 73 -28.80 -52.21 -24.59
C ASN B 73 -27.45 -51.77 -24.05
N ASN B 74 -26.42 -52.59 -24.28
CA ASN B 74 -25.06 -52.26 -23.87
C ASN B 74 -24.53 -51.01 -24.56
N VAL B 75 -24.66 -50.94 -25.88
CA VAL B 75 -24.36 -49.71 -26.61
C VAL B 75 -25.27 -48.59 -26.11
N ASN B 76 -26.53 -48.94 -25.89
CA ASN B 76 -27.52 -48.01 -25.36
C ASN B 76 -27.06 -47.31 -24.09
N ASP B 77 -26.21 -47.99 -23.33
CA ASP B 77 -25.67 -47.44 -22.10
C ASP B 77 -24.33 -46.76 -22.35
N LEU B 78 -23.44 -47.47 -23.05
CA LEU B 78 -22.13 -46.96 -23.44
C LEU B 78 -22.22 -45.52 -23.96
N SER B 79 -23.21 -45.26 -24.81
CA SER B 79 -23.40 -43.91 -25.31
C SER B 79 -23.55 -42.93 -24.14
N GLU B 80 -24.54 -43.20 -23.29
CA GLU B 80 -24.78 -42.36 -22.12
C GLU B 80 -23.52 -42.16 -21.27
N VAL B 81 -22.67 -43.19 -21.22
CA VAL B 81 -21.41 -43.10 -20.48
C VAL B 81 -20.44 -42.11 -21.13
N PHE B 82 -20.03 -42.41 -22.36
CA PHE B 82 -19.16 -41.49 -23.11
C PHE B 82 -19.64 -40.07 -22.88
N ARG B 83 -20.95 -39.86 -23.08
CA ARG B 83 -21.53 -38.52 -22.99
C ARG B 83 -21.40 -37.90 -21.59
N LEU B 84 -21.76 -38.65 -20.56
CA LEU B 84 -21.68 -38.14 -19.20
C LEU B 84 -20.24 -37.71 -18.89
N THR B 85 -19.30 -38.64 -19.07
CA THR B 85 -17.91 -38.34 -18.78
C THR B 85 -17.46 -37.09 -19.53
N HIS B 86 -17.71 -37.07 -20.83
CA HIS B 86 -17.27 -35.96 -21.66
C HIS B 86 -17.87 -34.63 -21.22
N GLU B 87 -19.15 -34.63 -20.84
CA GLU B 87 -19.79 -33.41 -20.38
C GLU B 87 -19.19 -32.90 -19.07
N ASN B 88 -18.96 -33.81 -18.13
CA ASN B 88 -18.33 -33.40 -16.87
C ASN B 88 -16.94 -32.80 -17.10
N LEU B 89 -16.06 -33.58 -17.73
CA LEU B 89 -14.71 -33.14 -18.02
C LEU B 89 -14.74 -31.79 -18.74
N ALA B 90 -15.66 -31.66 -19.68
CA ALA B 90 -15.83 -30.42 -20.42
C ALA B 90 -16.15 -29.27 -19.47
N GLN B 91 -17.10 -29.49 -18.57
CA GLN B 91 -17.49 -28.48 -17.60
C GLN B 91 -16.30 -28.00 -16.78
N GLU B 92 -15.51 -28.95 -16.27
CA GLU B 92 -14.29 -28.58 -15.54
C GLU B 92 -13.41 -27.69 -16.40
N LYS B 93 -12.99 -28.25 -17.52
CA LYS B 93 -12.10 -27.55 -18.45
C LYS B 93 -12.58 -26.13 -18.75
N ASN B 94 -13.88 -25.95 -18.83
CA ASN B 94 -14.44 -24.63 -19.18
C ASN B 94 -14.50 -23.69 -18.00
N ARG B 95 -14.76 -24.23 -16.82
CA ARG B 95 -14.69 -23.45 -15.60
C ARG B 95 -13.28 -22.85 -15.55
N LEU B 96 -12.28 -23.73 -15.58
CA LEU B 96 -10.89 -23.31 -15.55
C LEU B 96 -10.62 -22.27 -16.62
N THR B 97 -10.94 -22.61 -17.85
CA THR B 97 -10.78 -21.71 -18.99
C THR B 97 -11.33 -20.30 -18.73
N SER B 98 -12.55 -20.21 -18.20
CA SER B 98 -13.15 -18.90 -17.99
C SER B 98 -12.40 -18.14 -16.90
N ILE B 99 -12.12 -18.86 -15.81
CA ILE B 99 -11.36 -18.28 -14.70
C ILE B 99 -10.06 -17.64 -15.16
N LEU B 100 -9.32 -18.38 -15.98
CA LEU B 100 -7.99 -17.96 -16.42
C LEU B 100 -7.97 -16.80 -17.42
N SER B 101 -9.13 -16.42 -17.94
CA SER B 101 -9.17 -15.33 -18.92
C SER B 101 -9.85 -14.09 -18.36
N TYR B 102 -10.94 -14.30 -17.62
CA TYR B 102 -11.67 -13.19 -17.02
C TYR B 102 -10.96 -12.68 -15.76
N MET B 103 -9.87 -13.34 -15.37
CA MET B 103 -9.11 -12.95 -14.20
C MET B 103 -8.40 -11.62 -14.43
N THR B 104 -8.13 -10.90 -13.34
CA THR B 104 -7.66 -9.53 -13.40
C THR B 104 -6.28 -9.31 -14.01
N ASP B 105 -5.40 -10.28 -13.87
CA ASP B 105 -4.02 -10.09 -14.30
C ASP B 105 -3.73 -10.77 -15.62
N GLY B 106 -2.72 -10.27 -16.33
CA GLY B 106 -2.29 -10.90 -17.57
C GLY B 106 -1.67 -12.26 -17.28
N VAL B 107 -2.06 -13.26 -18.04
CA VAL B 107 -1.45 -14.58 -17.91
C VAL B 107 -1.00 -15.04 -19.28
N LEU B 108 0.17 -15.66 -19.35
CA LEU B 108 0.56 -16.31 -20.59
C LEU B 108 1.57 -17.44 -20.40
N ALA B 109 1.34 -18.53 -21.13
CA ALA B 109 2.20 -19.70 -21.03
C ALA B 109 2.98 -19.92 -22.32
N THR B 110 3.99 -20.78 -22.25
CA THR B 110 4.83 -21.08 -23.42
C THR B 110 5.20 -22.55 -23.45
N ASP B 111 6.05 -22.91 -24.40
CA ASP B 111 6.56 -24.28 -24.53
C ASP B 111 8.08 -24.28 -24.33
N ARG B 112 8.71 -25.46 -24.46
CA ARG B 112 10.15 -25.57 -24.33
C ARG B 112 10.84 -24.48 -25.15
N SER B 113 10.17 -24.04 -26.21
CA SER B 113 10.71 -23.02 -27.11
C SER B 113 10.68 -21.64 -26.48
N GLY B 114 9.54 -21.29 -25.90
CA GLY B 114 9.32 -19.95 -25.39
C GLY B 114 8.23 -19.27 -26.19
N LYS B 115 7.81 -19.94 -27.27
CA LYS B 115 6.71 -19.48 -28.10
C LYS B 115 5.43 -19.46 -27.29
N ILE B 116 4.79 -18.31 -27.25
CA ILE B 116 3.53 -18.17 -26.52
C ILE B 116 2.54 -19.23 -26.98
N THR B 117 2.17 -20.11 -26.06
CA THR B 117 1.14 -21.10 -26.33
C THR B 117 -0.21 -20.61 -25.82
N VAL B 118 -0.17 -19.81 -24.76
CA VAL B 118 -1.40 -19.35 -24.12
C VAL B 118 -1.35 -17.86 -23.79
N ILE B 119 -2.47 -17.17 -23.98
CA ILE B 119 -2.58 -15.77 -23.60
C ILE B 119 -4.04 -15.39 -23.38
N ASN B 120 -4.33 -14.85 -22.20
CA ASN B 120 -5.71 -14.54 -21.84
C ASN B 120 -6.10 -13.12 -22.20
N ASP B 121 -7.37 -12.79 -21.99
CA ASP B 121 -7.87 -11.46 -22.31
C ASP B 121 -6.95 -10.37 -21.78
N MET B 122 -6.87 -10.28 -20.46
CA MET B 122 -6.13 -9.20 -19.81
C MET B 122 -4.73 -9.02 -20.38
N ALA B 123 -4.08 -10.13 -20.73
CA ALA B 123 -2.75 -10.07 -21.31
C ALA B 123 -2.79 -9.61 -22.76
N GLN B 124 -3.81 -10.02 -23.51
CA GLN B 124 -3.98 -9.55 -24.87
C GLN B 124 -4.13 -8.04 -24.86
N LYS B 125 -4.77 -7.53 -23.81
CA LYS B 125 -4.99 -6.11 -23.65
C LYS B 125 -3.71 -5.40 -23.25
N GLN B 126 -3.05 -5.90 -22.21
CA GLN B 126 -1.83 -5.29 -21.69
C GLN B 126 -0.74 -5.23 -22.75
N LEU B 127 -0.79 -6.16 -23.70
CA LEU B 127 0.25 -6.27 -24.73
C LEU B 127 -0.22 -5.77 -26.09
N ASN B 128 -1.48 -5.35 -26.16
CA ASN B 128 -2.09 -4.93 -27.41
C ASN B 128 -1.78 -5.91 -28.55
N VAL B 129 -2.26 -7.13 -28.38
CA VAL B 129 -2.13 -8.18 -29.38
C VAL B 129 -3.39 -9.05 -29.33
N THR B 130 -3.44 -10.07 -30.18
CA THR B 130 -4.55 -11.02 -30.15
C THR B 130 -4.04 -12.44 -30.05
N ARG B 131 -4.84 -13.33 -29.45
CA ARG B 131 -4.43 -14.73 -29.30
C ARG B 131 -3.78 -15.14 -30.59
N GLU B 132 -4.43 -14.80 -31.69
CA GLU B 132 -3.96 -15.12 -33.02
C GLU B 132 -2.53 -14.62 -33.23
N GLN B 133 -2.37 -13.30 -33.36
CA GLN B 133 -1.06 -12.73 -33.66
C GLN B 133 -0.07 -12.91 -32.51
N ALA B 134 -0.59 -13.25 -31.34
CA ALA B 134 0.25 -13.46 -30.16
C ALA B 134 0.94 -14.82 -30.22
N LEU B 135 0.20 -15.84 -30.63
CA LEU B 135 0.73 -17.20 -30.72
C LEU B 135 1.78 -17.30 -31.83
N GLU B 136 1.85 -16.27 -32.67
CA GLU B 136 2.91 -16.18 -33.68
C GLU B 136 4.16 -15.58 -33.04
N CYS B 137 4.08 -15.34 -31.73
CA CYS B 137 5.18 -14.73 -30.99
C CYS B 137 5.84 -15.67 -29.99
N ASN B 138 7.13 -15.43 -29.76
CA ASN B 138 7.88 -16.10 -28.69
C ASN B 138 8.10 -15.12 -27.55
N ILE B 139 8.28 -15.65 -26.34
CA ILE B 139 8.33 -14.81 -25.14
C ILE B 139 9.42 -13.73 -25.15
N LEU B 140 10.59 -14.04 -25.71
CA LEU B 140 11.68 -13.07 -25.75
C LEU B 140 11.30 -11.83 -26.54
N ASP B 141 10.18 -11.91 -27.26
CA ASP B 141 9.75 -10.79 -28.11
C ASP B 141 9.19 -9.64 -27.29
N ILE B 142 10.10 -8.87 -26.72
CA ILE B 142 9.78 -7.63 -26.02
C ILE B 142 10.93 -6.69 -26.36
N LEU B 143 11.10 -5.60 -25.60
CA LEU B 143 12.12 -4.61 -25.94
C LEU B 143 13.53 -5.18 -25.74
N ASP B 144 14.03 -5.84 -26.80
CA ASP B 144 15.35 -6.47 -26.79
C ASP B 144 15.81 -6.82 -25.38
N ASP B 145 15.00 -7.62 -24.69
CA ASP B 145 15.15 -7.82 -23.24
C ASP B 145 16.55 -8.27 -22.79
N ASP B 146 17.21 -9.09 -23.61
CA ASP B 146 18.53 -9.62 -23.27
C ASP B 146 18.50 -10.66 -22.16
N SER B 147 17.60 -11.63 -22.32
CA SER B 147 17.51 -12.80 -21.45
C SER B 147 17.04 -13.96 -22.32
N TYR B 148 17.54 -15.17 -22.03
CA TYR B 148 17.17 -16.35 -22.82
C TYR B 148 16.24 -17.26 -22.04
N THR B 149 15.52 -18.13 -22.75
CA THR B 149 14.67 -19.12 -22.11
C THR B 149 15.55 -19.96 -21.16
N TYR B 150 16.72 -20.36 -21.66
CA TYR B 150 17.59 -21.28 -20.92
C TYR B 150 18.11 -20.70 -19.61
N ASN B 151 18.11 -19.36 -19.50
CA ASN B 151 18.46 -18.71 -18.24
C ASN B 151 17.25 -18.08 -17.57
N ASP B 152 16.10 -18.21 -18.22
CA ASP B 152 14.83 -17.69 -17.69
C ASP B 152 14.14 -18.77 -16.89
N LEU B 153 14.47 -20.02 -17.18
CA LEU B 153 13.88 -21.15 -16.49
C LEU B 153 14.58 -21.36 -15.15
N ILE B 154 15.87 -21.08 -15.11
CA ILE B 154 16.67 -21.25 -13.89
C ILE B 154 16.34 -20.16 -12.86
N THR B 155 16.34 -18.92 -13.31
CA THR B 155 16.14 -17.78 -12.44
C THR B 155 14.67 -17.58 -12.09
N LYS B 156 13.80 -17.97 -13.02
CA LYS B 156 12.35 -17.80 -12.87
C LYS B 156 12.00 -16.45 -12.25
N THR B 157 12.94 -15.52 -12.31
CA THR B 157 12.77 -14.29 -11.56
C THR B 157 11.99 -13.25 -12.35
N PRO B 158 11.08 -12.52 -11.66
CA PRO B 158 10.20 -11.48 -12.19
C PRO B 158 10.91 -10.16 -12.46
N GLU B 159 10.42 -9.42 -13.43
CA GLU B 159 10.94 -8.08 -13.69
C GLU B 159 9.91 -7.15 -14.36
N ILE B 160 10.38 -5.99 -14.81
CA ILE B 160 9.48 -4.89 -15.13
C ILE B 160 9.67 -4.33 -16.54
N VAL B 161 8.57 -4.04 -17.21
CA VAL B 161 8.62 -3.46 -18.54
C VAL B 161 7.67 -2.26 -18.63
N LEU B 162 8.16 -1.15 -19.18
CA LEU B 162 7.28 -0.02 -19.44
C LEU B 162 6.99 0.05 -20.94
N THR B 163 5.71 0.01 -21.31
CA THR B 163 5.34 -0.03 -22.71
C THR B 163 4.02 0.69 -22.98
N ARG B 164 3.86 1.17 -24.21
CA ARG B 164 2.63 1.84 -24.61
C ARG B 164 1.45 0.87 -24.47
N ARG B 165 1.36 -0.04 -25.43
CA ARG B 165 0.33 -1.09 -25.44
C ARG B 165 -1.03 -0.61 -24.93
N ASP B 166 -1.30 0.69 -25.02
CA ASP B 166 -2.61 1.20 -24.65
C ASP B 166 -2.93 2.62 -25.17
N GLU B 167 -3.85 2.65 -26.13
CA GLU B 167 -4.59 3.86 -26.51
C GLU B 167 -3.89 5.21 -26.39
N TYR B 168 -4.59 6.14 -25.75
CA TYR B 168 -4.34 7.59 -25.81
C TYR B 168 -3.07 8.05 -25.07
N ASP B 169 -3.15 9.25 -24.48
CA ASP B 169 -2.01 9.95 -23.91
C ASP B 169 -1.30 9.19 -22.79
N GLU B 170 -1.66 7.93 -22.61
CA GLU B 170 -1.17 7.13 -21.49
C GLU B 170 -0.22 6.00 -21.88
N PHE B 171 0.68 5.66 -20.96
CA PHE B 171 1.55 4.49 -21.12
C PHE B 171 1.40 3.57 -19.91
N ILE B 172 1.66 2.29 -20.10
CA ILE B 172 1.47 1.31 -19.04
C ILE B 172 2.81 0.79 -18.53
N THR B 173 2.85 0.35 -17.28
CA THR B 173 4.01 -0.38 -16.75
C THR B 173 3.58 -1.70 -16.13
N LEU B 174 4.27 -2.77 -16.52
CA LEU B 174 3.92 -4.13 -16.14
C LEU B 174 5.00 -4.79 -15.30
N ARG B 175 4.58 -5.36 -14.17
CA ARG B 175 5.44 -6.24 -13.39
C ARG B 175 5.16 -7.66 -13.82
N ILE B 176 6.14 -8.29 -14.46
CA ILE B 176 5.95 -9.64 -14.95
C ILE B 176 6.72 -10.64 -14.11
N ARG B 177 5.99 -11.47 -13.37
CA ARG B 177 6.60 -12.53 -12.59
C ARG B 177 6.64 -13.85 -13.36
N PHE B 178 7.84 -14.37 -13.58
CA PHE B 178 7.98 -15.65 -14.27
C PHE B 178 7.90 -16.84 -13.32
N ALA B 179 7.40 -17.96 -13.83
CA ALA B 179 7.24 -19.17 -13.03
C ALA B 179 7.53 -20.42 -13.87
N LEU B 180 8.00 -21.46 -13.21
CA LEU B 180 8.37 -22.69 -13.90
C LEU B 180 7.17 -23.61 -14.11
N ASN B 181 6.84 -23.84 -15.38
CA ASN B 181 5.71 -24.70 -15.72
C ASN B 181 6.14 -26.15 -15.97
N ARG B 182 5.27 -27.09 -15.61
CA ARG B 182 5.60 -28.50 -15.74
C ARG B 182 4.39 -29.38 -16.04
N ARG B 183 4.66 -30.60 -16.48
CA ARG B 183 3.60 -31.53 -16.86
C ARG B 183 3.12 -32.36 -15.70
N GLU B 184 2.36 -33.41 -15.99
CA GLU B 184 1.91 -34.34 -14.98
C GLU B 184 3.09 -35.21 -14.55
N SER B 185 3.97 -35.48 -15.51
CA SER B 185 5.28 -36.03 -15.22
C SER B 185 6.14 -34.87 -14.73
N GLY B 186 7.27 -35.17 -14.11
CA GLY B 186 8.12 -34.12 -13.58
C GLY B 186 8.55 -33.07 -14.59
N PHE B 187 8.49 -33.40 -15.87
CA PHE B 187 9.17 -32.62 -16.90
C PHE B 187 8.67 -31.19 -17.06
N ILE B 188 9.53 -30.34 -17.64
CA ILE B 188 9.25 -28.91 -17.76
C ILE B 188 8.46 -28.60 -19.02
N SER B 189 7.25 -28.07 -18.86
CA SER B 189 6.42 -27.69 -19.99
C SER B 189 6.95 -26.45 -20.71
N GLY B 190 7.23 -25.42 -19.94
CA GLY B 190 7.68 -24.15 -20.49
C GLY B 190 7.63 -23.08 -19.42
N LEU B 191 7.26 -21.88 -19.82
CA LEU B 191 7.20 -20.75 -18.88
C LEU B 191 5.79 -20.25 -18.65
N ILE B 192 5.56 -19.74 -17.44
CA ILE B 192 4.32 -19.07 -17.10
C ILE B 192 4.62 -17.68 -16.62
N ALA B 193 4.12 -16.68 -17.34
CA ALA B 193 4.33 -15.29 -16.95
C ALA B 193 3.01 -14.63 -16.57
N VAL B 194 2.98 -14.07 -15.36
CA VAL B 194 1.88 -13.23 -14.93
C VAL B 194 2.34 -11.78 -15.07
N LEU B 195 1.52 -10.97 -15.74
CA LEU B 195 1.81 -9.57 -15.95
C LEU B 195 0.83 -8.73 -15.14
N HIS B 196 1.36 -7.91 -14.25
CA HIS B 196 0.54 -7.08 -13.40
C HIS B 196 0.62 -5.61 -13.82
N ASP B 197 -0.51 -5.06 -14.24
CA ASP B 197 -0.58 -3.64 -14.54
C ASP B 197 -0.46 -2.88 -13.25
N ALA B 198 0.76 -2.49 -12.90
CA ALA B 198 1.00 -1.77 -11.67
C ALA B 198 1.66 -0.42 -11.93
N THR B 199 0.92 0.47 -12.56
CA THR B 199 1.45 1.78 -12.91
C THR B 199 1.11 2.79 -11.82
N GLU B 200 -0.10 2.69 -11.29
CA GLU B 200 -0.57 3.60 -10.26
C GLU B 200 0.22 3.39 -8.98
N GLN B 201 0.34 2.11 -8.60
CA GLN B 201 1.18 1.71 -7.47
C GLN B 201 2.58 2.28 -7.64
N GLU B 202 3.21 1.92 -8.75
CA GLU B 202 4.56 2.40 -9.05
C GLU B 202 4.64 3.92 -8.89
N LYS B 203 3.61 4.62 -9.34
CA LYS B 203 3.57 6.08 -9.30
C LYS B 203 3.60 6.56 -7.85
N GLU B 204 2.67 6.05 -7.04
CA GLU B 204 2.62 6.38 -5.61
C GLU B 204 4.00 6.17 -5.01
N GLU B 205 4.48 4.93 -5.08
CA GLU B 205 5.80 4.56 -4.60
C GLU B 205 6.85 5.61 -4.94
N ARG B 206 7.02 5.88 -6.24
CA ARG B 206 7.98 6.87 -6.70
C ARG B 206 7.82 8.22 -6.01
N GLU B 207 6.60 8.76 -6.00
CA GLU B 207 6.38 10.11 -5.47
C GLU B 207 6.58 10.20 -3.96
N ARG B 208 6.29 9.10 -3.28
CA ARG B 208 6.49 8.98 -1.84
C ARG B 208 7.99 8.99 -1.54
N ARG B 209 8.73 8.21 -2.33
CA ARG B 209 10.18 8.21 -2.24
C ARG B 209 10.69 9.64 -2.35
N LEU B 210 10.33 10.30 -3.45
CA LEU B 210 10.73 11.68 -3.63
C LEU B 210 10.33 12.51 -2.44
N PHE B 211 9.23 12.14 -1.79
CA PHE B 211 8.77 12.88 -0.62
C PHE B 211 9.78 12.82 0.51
N VAL B 212 10.20 11.62 0.90
CA VAL B 212 11.21 11.54 1.96
C VAL B 212 12.52 12.23 1.54
N SER B 213 12.96 11.96 0.30
CA SER B 213 14.14 12.65 -0.22
C SER B 213 14.03 14.16 0.02
N ASN B 214 12.86 14.70 -0.32
CA ASN B 214 12.56 16.10 -0.11
C ASN B 214 12.66 16.50 1.36
N VAL B 215 11.98 15.79 2.23
CA VAL B 215 12.08 16.08 3.66
C VAL B 215 13.55 16.24 4.04
N SER B 216 14.38 15.29 3.63
CA SER B 216 15.81 15.38 3.90
C SER B 216 16.39 16.69 3.36
N HIS B 217 16.63 16.78 2.05
CA HIS B 217 17.27 17.97 1.48
C HIS B 217 16.72 19.24 2.13
N GLU B 218 15.41 19.30 2.21
CA GLU B 218 14.64 20.46 2.65
C GLU B 218 14.90 20.89 4.09
N LEU B 219 15.13 19.93 4.98
CA LEU B 219 15.50 20.27 6.35
C LEU B 219 17.00 20.51 6.49
N ARG B 220 17.79 19.70 5.79
CA ARG B 220 19.24 19.79 5.87
C ARG B 220 19.78 21.15 5.43
N THR B 221 19.29 21.65 4.31
CA THR B 221 19.84 22.90 3.75
C THR B 221 19.64 24.16 4.61
N PRO B 222 18.50 24.26 5.33
CA PRO B 222 18.39 25.35 6.29
C PRO B 222 19.37 25.14 7.44
N LEU B 223 19.57 23.89 7.81
CA LEU B 223 20.51 23.54 8.87
C LEU B 223 21.93 23.95 8.48
N THR B 224 22.41 23.45 7.35
CA THR B 224 23.74 23.78 6.87
C THR B 224 23.89 25.28 6.63
N SER B 225 22.77 25.97 6.48
CA SER B 225 22.75 27.42 6.34
C SER B 225 22.97 28.07 7.71
N VAL B 226 22.07 27.80 8.63
CA VAL B 226 22.18 28.31 10.00
C VAL B 226 23.51 27.92 10.63
N LYS B 227 24.02 26.74 10.26
CA LYS B 227 25.28 26.27 10.80
C LYS B 227 26.45 27.06 10.21
N SER B 228 26.34 27.41 8.93
CA SER B 228 27.38 28.17 8.26
C SER B 228 27.45 29.61 8.78
N TYR B 229 26.31 30.11 9.26
CA TYR B 229 26.25 31.45 9.85
C TYR B 229 26.82 31.45 11.27
N LEU B 230 26.18 30.69 12.16
CA LEU B 230 26.66 30.56 13.53
C LEU B 230 28.13 30.16 13.58
N GLU B 231 28.57 29.45 12.53
CA GLU B 231 29.95 29.00 12.45
C GLU B 231 30.88 30.14 12.11
N ALA B 232 30.34 31.16 11.43
CA ALA B 232 31.09 32.38 11.17
C ALA B 232 31.09 33.26 12.42
N LEU B 233 30.02 33.14 13.21
CA LEU B 233 29.86 33.94 14.41
C LEU B 233 30.64 33.37 15.59
N ASP B 234 31.52 32.41 15.30
CA ASP B 234 32.35 31.81 16.33
C ASP B 234 33.78 31.54 15.85
N ASP B 235 33.91 31.11 14.61
CA ASP B 235 35.22 30.79 14.04
C ASP B 235 36.19 31.98 14.21
N GLY B 236 35.67 33.11 14.67
CA GLY B 236 36.48 34.28 14.93
C GLY B 236 35.92 35.58 14.36
N ALA B 237 34.61 35.60 14.09
CA ALA B 237 33.93 36.80 13.59
C ALA B 237 32.79 37.22 14.52
N LEU B 238 32.75 36.62 15.70
CA LEU B 238 31.66 36.82 16.66
C LEU B 238 31.33 38.29 16.96
N THR B 239 30.10 38.67 16.67
CA THR B 239 29.56 40.00 17.03
C THR B 239 30.54 41.17 16.91
N GLU B 240 30.78 41.61 15.68
CA GLU B 240 31.59 42.80 15.43
C GLU B 240 31.01 43.66 14.32
N SER B 241 30.84 43.07 13.14
CA SER B 241 30.42 43.83 11.96
C SER B 241 28.95 43.60 11.57
N VAL B 242 28.63 42.35 11.26
CA VAL B 242 27.31 42.00 10.72
C VAL B 242 26.45 41.17 11.69
N ALA B 243 26.79 41.19 12.97
CA ALA B 243 26.18 40.30 13.96
C ALA B 243 24.65 40.27 13.97
N PRO B 244 24.00 41.41 14.26
CA PRO B 244 22.54 41.41 14.38
C PRO B 244 21.87 40.82 13.13
N SER B 245 22.50 41.00 11.98
CA SER B 245 21.98 40.49 10.72
C SER B 245 22.14 38.97 10.62
N PHE B 246 23.17 38.44 11.27
CA PHE B 246 23.38 36.99 11.29
C PHE B 246 22.41 36.34 12.27
N ILE B 247 22.12 37.03 13.36
CA ILE B 247 21.13 36.54 14.32
C ILE B 247 19.73 36.64 13.69
N LYS B 248 19.53 37.65 12.86
CA LYS B 248 18.29 37.83 12.11
C LYS B 248 18.08 36.71 11.11
N VAL B 249 19.05 36.55 10.21
CA VAL B 249 19.04 35.46 9.25
C VAL B 249 18.78 34.15 9.96
N SER B 250 19.69 33.78 10.85
CA SER B 250 19.60 32.51 11.54
C SER B 250 18.27 32.30 12.26
N LEU B 251 17.79 33.33 12.96
CA LEU B 251 16.52 33.23 13.66
C LEU B 251 15.35 32.96 12.71
N ASP B 252 15.17 33.87 11.74
CA ASP B 252 14.10 33.72 10.76
C ASP B 252 14.13 32.33 10.14
N GLU B 253 15.34 31.86 9.82
CA GLU B 253 15.51 30.54 9.22
C GLU B 253 15.07 29.41 10.14
N THR B 254 15.48 29.45 11.40
CA THR B 254 15.10 28.40 12.35
C THR B 254 13.60 28.41 12.64
N ASN B 255 12.99 29.59 12.49
CA ASN B 255 11.53 29.69 12.56
C ASN B 255 10.85 29.12 11.32
N ARG B 256 11.53 29.21 10.18
CA ARG B 256 11.06 28.56 8.97
C ARG B 256 11.08 27.05 9.17
N MET B 257 12.19 26.53 9.70
CA MET B 257 12.28 25.10 10.01
C MET B 257 11.25 24.68 11.07
N MET B 258 10.97 25.56 12.02
CA MET B 258 9.92 25.34 13.00
C MET B 258 8.59 25.09 12.30
N ARG B 259 8.13 26.09 11.55
CA ARG B 259 6.86 25.98 10.83
C ARG B 259 6.81 24.79 9.88
N MET B 260 7.91 24.56 9.16
CA MET B 260 8.01 23.42 8.27
C MET B 260 7.81 22.10 9.00
N ILE B 261 8.43 21.97 10.17
CA ILE B 261 8.32 20.74 10.95
C ILE B 261 6.91 20.57 11.53
N THR B 262 6.24 21.69 11.79
CA THR B 262 4.84 21.65 12.22
C THR B 262 3.94 21.13 11.10
N ASP B 263 4.05 21.76 9.93
CA ASP B 263 3.34 21.30 8.73
C ASP B 263 3.61 19.81 8.49
N LEU B 264 4.87 19.40 8.57
CA LEU B 264 5.26 18.01 8.36
C LEU B 264 4.61 17.07 9.35
N LEU B 265 4.50 17.51 10.60
CA LEU B 265 3.82 16.69 11.59
C LEU B 265 2.36 16.52 11.18
N SER B 266 1.73 17.63 10.78
CA SER B 266 0.32 17.60 10.38
C SER B 266 0.08 16.63 9.22
N LEU B 267 0.90 16.77 8.18
CA LEU B 267 0.83 15.89 7.03
C LEU B 267 1.08 14.46 7.47
N SER B 268 1.96 14.27 8.44
CA SER B 268 2.28 12.94 8.93
C SER B 268 1.03 12.30 9.52
N ARG B 269 0.39 13.02 10.43
CA ARG B 269 -0.87 12.55 11.00
C ARG B 269 -1.89 12.23 9.90
N ILE B 270 -1.91 13.05 8.85
CA ILE B 270 -2.84 12.81 7.74
C ILE B 270 -2.48 11.54 6.94
N ASP B 271 -1.19 11.23 6.86
CA ASP B 271 -0.70 10.06 6.12
C ASP B 271 -0.95 8.77 6.88
N ASN B 272 -0.88 8.86 8.20
CA ASN B 272 -1.08 7.70 9.06
C ASN B 272 -2.54 7.49 9.44
N GLN B 273 -3.45 8.19 8.75
CA GLN B 273 -4.87 8.20 9.09
C GLN B 273 -5.12 8.31 10.60
N THR B 274 -4.32 9.13 11.28
CA THR B 274 -4.58 9.44 12.67
C THR B 274 -5.36 10.74 12.71
N SER B 275 -4.97 11.67 11.85
CA SER B 275 -5.59 13.00 11.83
C SER B 275 -6.97 12.92 11.21
N HIS B 276 -7.99 12.82 12.05
CA HIS B 276 -9.36 12.78 11.54
C HIS B 276 -10.09 14.08 11.90
N LEU B 277 -11.26 14.28 11.31
CA LEU B 277 -11.96 15.56 11.43
C LEU B 277 -12.74 15.70 12.72
N ASP B 278 -13.24 16.91 12.94
CA ASP B 278 -14.15 17.22 14.03
C ASP B 278 -15.12 18.27 13.52
N VAL B 279 -16.27 17.85 13.03
CA VAL B 279 -17.20 18.76 12.38
C VAL B 279 -18.33 19.23 13.30
N GLU B 280 -18.74 20.47 13.12
CA GLU B 280 -19.88 21.00 13.84
C GLU B 280 -20.59 22.01 12.95
N LEU B 281 -21.89 21.81 12.75
CA LEU B 281 -22.67 22.68 11.87
C LEU B 281 -22.38 24.14 12.19
N THR B 282 -21.74 24.84 11.26
CA THR B 282 -21.40 26.25 11.47
C THR B 282 -21.87 27.16 10.33
N ASN B 283 -22.14 28.41 10.68
CA ASN B 283 -22.43 29.45 9.70
C ASN B 283 -21.12 29.90 9.05
N PHE B 284 -20.92 29.49 7.81
CA PHE B 284 -19.66 29.77 7.12
C PHE B 284 -19.48 31.26 6.87
N THR B 285 -20.59 31.96 6.71
CA THR B 285 -20.55 33.40 6.48
C THR B 285 -19.96 34.14 7.68
N ALA B 286 -20.31 33.67 8.87
CA ALA B 286 -19.80 34.28 10.10
C ALA B 286 -18.38 33.81 10.35
N PHE B 287 -18.19 32.50 10.25
CA PHE B 287 -16.88 31.88 10.38
C PHE B 287 -15.86 32.67 9.59
N MET B 288 -16.23 33.01 8.36
CA MET B 288 -15.33 33.72 7.46
C MET B 288 -14.97 35.10 7.99
N ASN B 289 -15.96 35.81 8.51
CA ASN B 289 -15.72 37.13 9.08
C ASN B 289 -14.80 37.08 10.29
N TYR B 290 -15.06 36.15 11.19
CA TYR B 290 -14.18 35.95 12.33
C TYR B 290 -12.77 35.75 11.81
N ILE B 291 -12.59 34.71 11.00
CA ILE B 291 -11.27 34.34 10.49
C ILE B 291 -10.53 35.50 9.82
N LEU B 292 -11.24 36.26 9.01
CA LEU B 292 -10.65 37.34 8.25
C LEU B 292 -10.34 38.55 9.12
N ASP B 293 -11.12 38.78 10.17
CA ASP B 293 -10.78 39.80 11.16
C ASP B 293 -9.48 39.39 11.82
N ARG B 294 -9.47 38.17 12.35
CA ARG B 294 -8.29 37.58 12.96
C ARG B 294 -7.07 37.72 12.06
N PHE B 295 -7.28 37.60 10.75
CA PHE B 295 -6.21 37.64 9.78
C PHE B 295 -5.70 39.06 9.56
N ASP B 296 -6.62 39.96 9.25
CA ASP B 296 -6.31 41.39 9.12
C ASP B 296 -5.49 41.81 10.33
N GLN B 297 -5.83 41.23 11.47
CA GLN B 297 -5.12 41.49 12.72
C GLN B 297 -3.70 40.94 12.68
N ILE B 298 -3.58 39.62 12.72
CA ILE B 298 -2.27 38.96 12.83
C ILE B 298 -1.31 39.43 11.74
N GLN B 299 -1.85 40.01 10.67
CA GLN B 299 -1.03 40.52 9.58
C GLN B 299 -0.50 41.91 9.90
N SER B 300 -1.38 42.90 9.82
CA SER B 300 -0.97 44.30 9.86
C SER B 300 -0.09 44.68 11.05
N GLN B 301 1.16 45.03 10.76
CA GLN B 301 2.05 45.66 11.74
C GLN B 301 3.05 46.56 11.01
N GLN B 302 3.91 45.93 10.22
CA GLN B 302 4.90 46.64 9.41
C GLN B 302 4.24 47.64 8.47
N GLU B 309 -1.72 44.33 0.34
CA GLU B 309 -2.81 43.76 1.13
C GLU B 309 -4.13 44.49 0.94
N ILE B 310 -5.11 43.78 0.40
CA ILE B 310 -6.49 44.25 0.30
C ILE B 310 -7.43 43.05 0.40
N ILE B 311 -8.18 42.97 1.49
CA ILE B 311 -9.07 41.85 1.74
C ILE B 311 -10.53 42.24 1.48
N ARG B 312 -11.14 41.57 0.51
CA ARG B 312 -12.47 41.95 0.01
C ARG B 312 -13.46 40.81 0.24
N ASP B 313 -14.51 41.09 1.00
CA ASP B 313 -15.48 40.05 1.38
C ASP B 313 -16.77 40.16 0.56
N TYR B 314 -17.39 39.01 0.30
CA TYR B 314 -18.59 38.89 -0.55
C TYR B 314 -19.88 38.35 0.08
N PRO B 315 -19.79 37.23 0.82
CA PRO B 315 -21.00 36.48 1.19
C PRO B 315 -22.21 37.30 1.65
N ASP B 316 -22.33 37.47 2.97
CA ASP B 316 -23.39 38.27 3.60
C ASP B 316 -24.75 37.59 3.68
N LYS B 317 -24.80 36.41 4.30
CA LYS B 317 -26.05 35.68 4.52
C LYS B 317 -25.70 34.32 5.13
N SER B 318 -26.65 33.73 5.86
CA SER B 318 -26.39 32.50 6.59
C SER B 318 -26.15 31.27 5.70
N VAL B 319 -24.97 30.68 5.84
CA VAL B 319 -24.59 29.51 5.05
C VAL B 319 -24.18 28.36 5.96
N TRP B 320 -25.16 27.57 6.39
CA TRP B 320 -24.92 26.54 7.39
C TRP B 320 -24.34 25.25 6.83
N ILE B 321 -23.14 24.93 7.28
CA ILE B 321 -22.42 23.78 6.74
C ILE B 321 -21.59 23.13 7.83
N GLU B 322 -21.57 21.80 7.84
CA GLU B 322 -20.76 21.10 8.84
C GLU B 322 -19.31 21.06 8.42
N ILE B 323 -18.46 21.74 9.20
CA ILE B 323 -17.04 21.76 8.90
C ILE B 323 -16.22 21.57 10.18
N ASP B 324 -14.93 21.31 10.03
CA ASP B 324 -14.01 21.31 11.15
C ASP B 324 -13.31 22.66 11.19
N THR B 325 -13.85 23.56 12.00
CA THR B 325 -13.37 24.94 12.05
C THR B 325 -11.84 25.08 12.17
N ASP B 326 -11.23 24.32 13.07
CA ASP B 326 -9.78 24.32 13.19
C ASP B 326 -9.12 24.09 11.83
N LYS B 327 -9.32 22.89 11.29
CA LYS B 327 -8.71 22.51 10.02
C LYS B 327 -9.06 23.48 8.89
N MET B 328 -10.32 23.86 8.79
CA MET B 328 -10.77 24.73 7.72
C MET B 328 -10.06 26.07 7.80
N THR B 329 -9.82 26.53 9.03
CA THR B 329 -9.06 27.74 9.27
C THR B 329 -7.62 27.54 8.82
N GLN B 330 -7.06 26.37 9.09
CA GLN B 330 -5.76 26.00 8.53
C GLN B 330 -5.74 26.28 7.04
N VAL B 331 -6.68 25.67 6.33
CA VAL B 331 -6.79 25.83 4.89
C VAL B 331 -6.82 27.30 4.48
N ILE B 332 -7.85 28.01 4.92
CA ILE B 332 -8.04 29.40 4.49
C ILE B 332 -6.84 30.28 4.80
N ASP B 333 -6.32 30.17 6.01
CA ASP B 333 -5.12 30.93 6.38
C ASP B 333 -3.98 30.64 5.42
N ASN B 334 -3.73 29.36 5.14
CA ASN B 334 -2.67 28.97 4.22
C ASN B 334 -2.82 29.56 2.79
N ILE B 335 -4.03 29.47 2.25
CA ILE B 335 -4.28 30.02 0.92
C ILE B 335 -4.15 31.53 0.89
N LEU B 336 -4.57 32.20 1.98
CA LEU B 336 -4.39 33.63 2.10
C LEU B 336 -2.90 33.97 2.08
N ASN B 337 -2.13 33.24 2.88
CA ASN B 337 -0.68 33.45 2.94
C ASN B 337 -0.05 33.26 1.58
N ASN B 338 -0.56 32.30 0.82
CA ASN B 338 -0.15 32.06 -0.56
C ASN B 338 -0.39 33.33 -1.39
N ALA B 339 -1.64 33.78 -1.42
CA ALA B 339 -1.97 35.06 -2.04
C ALA B 339 -0.98 36.17 -1.71
N ILE B 340 -0.57 36.24 -0.45
CA ILE B 340 0.41 37.23 -0.03
C ILE B 340 1.78 36.99 -0.64
N LYS B 341 2.30 35.78 -0.47
CA LYS B 341 3.60 35.42 -1.02
C LYS B 341 3.58 35.61 -2.55
N TYR B 342 2.40 35.84 -3.11
CA TYR B 342 2.30 36.04 -4.56
C TYR B 342 2.11 37.49 -5.00
N SER B 343 2.12 38.44 -4.08
CA SER B 343 1.87 39.82 -4.49
C SER B 343 3.00 40.84 -4.23
N PRO B 344 3.12 41.87 -5.09
CA PRO B 344 4.14 42.91 -4.89
C PRO B 344 3.90 43.73 -3.62
N ASP B 345 2.78 44.45 -3.60
CA ASP B 345 2.40 45.23 -2.43
C ASP B 345 0.93 45.63 -2.53
N GLY B 346 0.40 45.56 -3.76
CA GLY B 346 -0.98 45.94 -4.02
C GLY B 346 -1.95 44.82 -3.68
N GLY B 347 -1.42 43.68 -3.27
CA GLY B 347 -2.23 42.55 -2.86
C GLY B 347 -3.48 42.38 -3.70
N LYS B 348 -4.59 42.94 -3.23
CA LYS B 348 -5.88 42.80 -3.89
C LYS B 348 -6.49 41.41 -3.72
N VAL B 349 -6.33 40.80 -2.56
CA VAL B 349 -6.91 39.49 -2.32
C VAL B 349 -8.42 39.59 -2.18
N THR B 350 -9.14 38.90 -3.05
CA THR B 350 -10.58 38.88 -3.04
C THR B 350 -11.09 37.51 -2.60
N ILE B 351 -11.65 37.45 -1.39
CA ILE B 351 -12.40 36.28 -0.97
C ILE B 351 -13.81 36.44 -1.51
N THR B 352 -14.20 35.55 -2.40
CA THR B 352 -15.51 35.60 -3.01
C THR B 352 -16.15 34.23 -2.89
N MET B 353 -17.27 34.14 -2.19
CA MET B 353 -17.87 32.84 -1.91
C MET B 353 -19.38 32.82 -2.07
N GLN B 354 -19.87 31.97 -2.97
CA GLN B 354 -21.30 31.88 -3.24
C GLN B 354 -21.80 30.46 -3.05
N THR B 355 -23.11 30.26 -3.17
CA THR B 355 -23.69 28.94 -2.92
C THR B 355 -24.70 28.51 -3.97
N THR B 356 -24.42 27.40 -4.65
CA THR B 356 -25.40 26.76 -5.51
C THR B 356 -26.31 25.90 -4.63
N ASP B 357 -27.07 25.00 -5.22
CA ASP B 357 -27.99 24.17 -4.44
C ASP B 357 -27.35 22.88 -3.95
N THR B 358 -26.15 22.57 -4.43
CA THR B 358 -25.43 21.38 -3.97
C THR B 358 -24.04 21.66 -3.39
N GLN B 359 -23.55 22.88 -3.57
CA GLN B 359 -22.19 23.20 -3.15
C GLN B 359 -22.01 24.64 -2.64
N LEU B 360 -21.07 24.78 -1.71
CA LEU B 360 -20.51 26.05 -1.33
C LEU B 360 -19.24 26.23 -2.15
N ILE B 361 -19.18 27.33 -2.90
CA ILE B 361 -17.99 27.65 -3.69
C ILE B 361 -17.26 28.80 -3.04
N LEU B 362 -16.10 28.52 -2.49
CA LEU B 362 -15.26 29.54 -1.91
C LEU B 362 -14.15 29.78 -2.92
N SER B 363 -13.75 31.02 -3.14
CA SER B 363 -12.60 31.26 -4.00
C SER B 363 -11.79 32.46 -3.55
N ILE B 364 -10.48 32.29 -3.56
CA ILE B 364 -9.55 33.32 -3.14
C ILE B 364 -8.70 33.75 -4.32
N SER B 365 -8.92 34.98 -4.77
CA SER B 365 -8.31 35.48 -5.99
C SER B 365 -7.27 36.58 -5.68
N ASP B 366 -6.14 36.57 -6.36
CA ASP B 366 -5.14 37.61 -6.15
C ASP B 366 -4.57 38.14 -7.46
N GLN B 367 -4.31 39.44 -7.52
CA GLN B 367 -3.64 40.02 -8.68
C GLN B 367 -2.15 40.05 -8.43
N GLY B 368 -1.54 38.88 -8.50
CA GLY B 368 -0.12 38.75 -8.23
C GLY B 368 0.62 38.32 -9.47
N LEU B 369 1.64 37.49 -9.27
CA LEU B 369 2.43 36.95 -10.38
C LEU B 369 1.60 35.97 -11.19
N GLY B 370 0.97 35.02 -10.48
CA GLY B 370 0.23 33.97 -11.12
C GLY B 370 1.01 32.66 -11.14
N ILE B 371 0.63 31.76 -12.03
CA ILE B 371 1.27 30.45 -12.11
C ILE B 371 1.38 29.99 -13.56
N PRO B 372 2.55 29.46 -13.93
CA PRO B 372 2.71 28.83 -15.24
C PRO B 372 1.65 27.76 -15.43
N LYS B 373 1.10 27.65 -16.63
CA LYS B 373 0.09 26.63 -16.89
C LYS B 373 0.69 25.24 -16.71
N LYS B 374 2.02 25.18 -16.64
CA LYS B 374 2.74 23.91 -16.52
C LYS B 374 2.92 23.51 -15.07
N ASP B 375 2.87 24.50 -14.18
CA ASP B 375 2.97 24.26 -12.75
C ASP B 375 1.57 24.16 -12.15
N LEU B 376 0.59 24.50 -12.96
CA LEU B 376 -0.81 24.61 -12.52
C LEU B 376 -1.35 23.33 -11.84
N PRO B 377 -1.14 22.17 -12.46
CA PRO B 377 -1.66 20.92 -11.88
C PRO B 377 -0.73 20.38 -10.79
N LEU B 378 0.32 21.15 -10.51
CA LEU B 378 1.39 20.68 -9.65
C LEU B 378 1.50 21.37 -8.29
N ILE B 379 0.90 22.55 -8.14
CA ILE B 379 1.19 23.38 -6.98
C ILE B 379 0.77 22.83 -5.60
N PHE B 380 -0.24 21.96 -5.59
CA PHE B 380 -0.69 21.36 -4.34
C PHE B 380 0.23 20.20 -3.92
N ASP B 381 1.29 19.98 -4.69
CA ASP B 381 2.24 18.92 -4.35
C ASP B 381 3.09 19.37 -3.19
N ARG B 382 3.57 18.40 -2.39
CA ARG B 382 4.37 18.72 -1.23
C ARG B 382 5.75 19.21 -1.63
N PHE B 383 6.16 20.32 -1.03
CA PHE B 383 7.46 20.90 -1.33
C PHE B 383 7.57 21.32 -2.78
N TYR B 384 6.44 21.53 -3.43
CA TYR B 384 6.45 22.10 -4.77
C TYR B 384 6.38 23.60 -4.69
N ARG B 385 7.25 24.26 -5.45
CA ARG B 385 7.30 25.71 -5.47
C ARG B 385 7.68 26.17 -6.87
N VAL B 386 6.98 27.17 -7.38
CA VAL B 386 7.36 27.80 -8.65
C VAL B 386 8.80 28.26 -8.51
N ASP B 387 9.03 29.19 -7.59
CA ASP B 387 10.37 29.61 -7.22
C ASP B 387 10.37 30.18 -5.79
N LYS B 388 11.11 29.54 -4.90
CA LYS B 388 11.29 30.06 -3.54
C LYS B 388 12.78 30.23 -3.23
N ALA B 389 13.20 31.43 -2.83
CA ALA B 389 12.35 32.62 -2.64
C ALA B 389 11.30 32.52 -1.53
N ARG B 390 11.75 32.69 -0.28
CA ARG B 390 10.85 32.75 0.87
C ARG B 390 11.16 33.98 1.73
N THR B 397 5.34 27.29 4.45
CA THR B 397 6.28 26.69 3.52
C THR B 397 6.87 25.39 4.06
N GLY B 398 7.25 24.49 3.16
CA GLY B 398 6.93 24.65 1.75
C GLY B 398 5.86 23.65 1.34
N LEU B 399 5.03 23.28 2.31
CA LEU B 399 4.03 22.24 2.10
C LEU B 399 2.68 22.93 2.04
N GLY B 400 2.23 23.39 3.20
CA GLY B 400 1.16 24.38 3.29
C GLY B 400 -0.01 24.18 2.36
N LEU B 401 0.16 24.57 1.09
CA LEU B 401 -0.83 24.31 0.07
C LEU B 401 -1.29 22.84 0.05
N ALA B 402 -0.33 21.93 0.14
CA ALA B 402 -0.61 20.50 0.30
C ALA B 402 -1.59 20.24 1.43
N ILE B 403 -1.25 20.70 2.63
CA ILE B 403 -2.13 20.57 3.79
C ILE B 403 -3.55 21.07 3.47
N ALA B 404 -3.64 22.23 2.84
CA ALA B 404 -4.93 22.79 2.45
C ALA B 404 -5.75 21.81 1.60
N LYS B 405 -5.17 21.37 0.48
CA LYS B 405 -5.81 20.38 -0.36
C LYS B 405 -6.26 19.16 0.46
N GLU B 406 -5.36 18.64 1.28
CA GLU B 406 -5.66 17.42 2.04
C GLU B 406 -6.83 17.60 2.99
N ILE B 407 -6.91 18.75 3.63
CA ILE B 407 -8.01 19.03 4.54
C ILE B 407 -9.32 19.12 3.74
N VAL B 408 -9.28 19.84 2.64
CA VAL B 408 -10.47 19.97 1.80
C VAL B 408 -10.95 18.59 1.41
N LYS B 409 -10.05 17.81 0.83
CA LYS B 409 -10.34 16.44 0.46
C LYS B 409 -10.92 15.67 1.66
N GLN B 410 -10.52 16.07 2.88
CA GLN B 410 -11.00 15.44 4.11
C GLN B 410 -12.46 15.76 4.35
N HIS B 411 -12.88 16.94 3.89
CA HIS B 411 -14.29 17.35 3.98
C HIS B 411 -15.15 16.80 2.85
N LYS B 412 -14.56 15.95 2.02
CA LYS B 412 -15.21 15.47 0.81
C LYS B 412 -15.53 16.67 -0.09
N GLY B 413 -14.50 17.40 -0.45
CA GLY B 413 -14.64 18.60 -1.28
C GLY B 413 -13.52 18.62 -2.29
N PHE B 414 -13.38 19.73 -3.01
CA PHE B 414 -12.30 19.84 -3.98
C PHE B 414 -11.70 21.24 -3.97
N ILE B 415 -10.51 21.35 -4.54
CA ILE B 415 -9.78 22.61 -4.61
C ILE B 415 -8.87 22.58 -5.83
N TRP B 416 -8.72 23.71 -6.51
CA TRP B 416 -7.84 23.79 -7.68
C TRP B 416 -7.38 25.22 -7.95
N ALA B 417 -6.39 25.37 -8.81
CA ALA B 417 -5.86 26.69 -9.12
C ALA B 417 -6.18 27.09 -10.55
N ASN B 418 -6.26 28.40 -10.77
CA ASN B 418 -6.35 28.92 -12.12
C ASN B 418 -5.37 30.09 -12.23
N SER B 419 -4.81 30.33 -13.40
CA SER B 419 -3.89 31.45 -13.54
C SER B 419 -3.73 31.93 -14.98
N GLU B 420 -3.53 33.25 -15.12
CA GLU B 420 -3.26 33.86 -16.42
C GLU B 420 -1.87 34.47 -16.41
N GLU B 421 -1.24 34.47 -15.24
CA GLU B 421 -0.04 35.26 -14.99
C GLU B 421 -0.36 36.75 -15.11
N GLY B 422 -1.62 37.03 -15.40
CA GLY B 422 -2.13 38.39 -15.47
C GLY B 422 -3.56 38.35 -15.95
N GLU B 423 -4.51 38.70 -15.08
CA GLU B 423 -4.23 39.23 -13.75
C GLU B 423 -3.35 38.36 -12.85
N GLY B 424 -3.88 37.25 -12.37
CA GLY B 424 -3.13 36.44 -11.44
C GLY B 424 -3.83 35.17 -11.00
N SER B 425 -3.16 34.41 -10.13
CA SER B 425 -3.67 33.12 -9.70
C SER B 425 -4.88 33.25 -8.79
N THR B 426 -5.78 32.27 -8.87
CA THR B 426 -6.93 32.19 -7.98
C THR B 426 -7.27 30.74 -7.62
N PHE B 427 -7.43 30.48 -6.32
CA PHE B 427 -7.75 29.14 -5.84
C PHE B 427 -9.24 28.98 -5.53
N THR B 428 -9.78 27.83 -5.91
CA THR B 428 -11.21 27.59 -5.74
C THR B 428 -11.47 26.29 -5.01
N ILE B 429 -12.28 26.39 -3.96
CA ILE B 429 -12.65 25.26 -3.11
C ILE B 429 -14.14 25.01 -3.22
N VAL B 430 -14.50 23.73 -3.21
CA VAL B 430 -15.89 23.30 -3.33
C VAL B 430 -16.24 22.39 -2.16
N LEU B 431 -17.34 22.69 -1.47
CA LEU B 431 -17.75 21.87 -0.33
C LEU B 431 -19.23 21.50 -0.43
N PRO B 432 -19.60 20.31 0.09
CA PRO B 432 -20.95 19.76 -0.01
C PRO B 432 -22.09 20.63 0.57
N TYR B 433 -23.12 20.82 -0.26
CA TYR B 433 -24.37 21.52 0.11
C TYR B 433 -24.26 22.95 0.66
N GLU B 434 -25.25 23.33 1.46
CA GLU B 434 -25.58 24.72 1.78
C GLU B 434 -25.16 25.73 0.72
#